data_1XHN
#
_entry.id   1XHN
#
_cell.length_a   106.130
_cell.length_b   121.260
_cell.length_c   55.920
_cell.angle_alpha   90.00
_cell.angle_beta   90.00
_cell.angle_gamma   90.00
#
_symmetry.space_group_name_H-M   'P 21 21 2'
#
loop_
_entity.id
_entity.type
_entity.pdbx_description
1 polymer 'Cellular Repressor of E1A-stimulated Genes'
2 water water
#
_entity_poly.entity_id   1
_entity_poly.type   'polypeptide(L)'
_entity_poly.pdbx_seq_one_letter_code
;(MSE)GSSHHHHHHGSLPPREDAARVARFVTHVSDWGALATISTLEAVRGRPFADVLSLSDGPPGAGSGVPYFYLSPLQL
SVSNLQENPYATLT(MSE)TLAQTNFCKKHGFDPQSPLCVHI(MSE)LSGTVTKVNETE(MSE)DIAKHSLFIRHPE
(MSE)KTWPSSHNWFFAKLNITNIWVLDYFGGPKIVTPEEYYNVTVQ
;
_entity_poly.pdbx_strand_id   A,B,C,D
#
# COMPACT_ATOMS: atom_id res chain seq x y z
N GLY A 11 -16.44 -5.49 -5.88
CA GLY A 11 -16.31 -5.18 -4.41
C GLY A 11 -14.95 -4.57 -4.06
N SER A 12 -14.63 -3.43 -4.66
CA SER A 12 -13.31 -2.80 -4.41
C SER A 12 -13.34 -1.58 -3.47
N LEU A 13 -12.18 -1.25 -2.91
CA LEU A 13 -12.08 -0.18 -1.92
C LEU A 13 -12.45 1.16 -2.54
N PRO A 14 -13.34 1.90 -1.89
CA PRO A 14 -13.68 3.25 -2.39
C PRO A 14 -12.50 4.23 -2.31
N PRO A 15 -12.64 5.41 -2.93
CA PRO A 15 -11.59 6.45 -2.84
C PRO A 15 -11.31 6.77 -1.40
N ARG A 16 -10.03 6.74 -1.03
CA ARG A 16 -9.63 6.92 0.35
C ARG A 16 -10.03 8.29 0.92
N GLU A 17 -10.12 9.30 0.07
CA GLU A 17 -10.60 10.63 0.53
C GLU A 17 -12.06 10.57 1.03
N ASP A 18 -12.83 9.61 0.52
CA ASP A 18 -14.23 9.51 0.92
C ASP A 18 -14.25 8.57 2.11
N ALA A 19 -13.90 9.13 3.27
CA ALA A 19 -13.75 8.33 4.47
C ALA A 19 -15.13 7.72 4.87
N ALA A 20 -16.24 8.44 4.62
CA ALA A 20 -17.57 7.88 4.90
C ALA A 20 -17.83 6.59 4.10
N ARG A 21 -17.56 6.65 2.79
CA ARG A 21 -17.72 5.46 1.94
C ARG A 21 -16.81 4.30 2.36
N VAL A 22 -15.54 4.63 2.64
CA VAL A 22 -14.57 3.65 3.11
C VAL A 22 -15.02 3.01 4.42
N ALA A 23 -15.55 3.80 5.34
CA ALA A 23 -16.00 3.24 6.58
C ALA A 23 -17.14 2.24 6.34
N ARG A 24 -18.09 2.62 5.48
CA ARG A 24 -19.18 1.73 5.18
C ARG A 24 -18.66 0.45 4.47
N PHE A 25 -17.71 0.62 3.56
CA PHE A 25 -17.07 -0.58 2.94
C PHE A 25 -16.48 -1.61 3.96
N VAL A 26 -15.62 -1.12 4.83
CA VAL A 26 -15.08 -1.92 5.95
C VAL A 26 -16.17 -2.55 6.82
N THR A 27 -17.15 -1.77 7.29
CA THR A 27 -18.21 -2.37 8.10
C THR A 27 -18.87 -3.55 7.39
N HIS A 28 -19.26 -3.33 6.15
CA HIS A 28 -19.92 -4.37 5.37
C HIS A 28 -19.05 -5.59 5.08
N VAL A 29 -17.75 -5.44 4.74
CA VAL A 29 -16.90 -6.64 4.49
C VAL A 29 -16.48 -7.41 5.73
N SER A 30 -16.73 -6.85 6.90
CA SER A 30 -16.30 -7.46 8.18
C SER A 30 -17.35 -8.44 8.67
N ASP A 31 -16.94 -9.67 9.01
CA ASP A 31 -17.87 -10.62 9.65
C ASP A 31 -17.78 -10.62 11.17
N TRP A 32 -16.75 -9.94 11.69
CA TRP A 32 -16.50 -9.86 13.11
C TRP A 32 -15.69 -8.58 13.36
N GLY A 33 -15.58 -8.24 14.64
CA GLY A 33 -14.76 -7.12 15.09
C GLY A 33 -14.39 -7.26 16.55
N ALA A 34 -13.63 -6.28 17.05
CA ALA A 34 -13.22 -6.27 18.42
C ALA A 34 -14.03 -5.16 19.11
N LEU A 35 -14.78 -5.52 20.16
CA LEU A 35 -15.51 -4.52 20.93
C LEU A 35 -14.80 -4.22 22.24
N ALA A 36 -14.62 -2.92 22.52
CA ALA A 36 -14.00 -2.46 23.78
C ALA A 36 -15.11 -1.97 24.70
N THR A 37 -15.09 -2.46 25.95
CA THR A 37 -16.05 -2.15 27.00
C THR A 37 -15.25 -1.82 28.27
N ILE A 38 -15.96 -1.37 29.31
CA ILE A 38 -15.32 -1.19 30.59
C ILE A 38 -15.63 -2.40 31.44
N SER A 39 -14.61 -3.02 32.01
CA SER A 39 -14.79 -4.26 32.74
C SER A 39 -15.50 -4.03 34.06
N THR A 40 -16.47 -4.93 34.33
CA THR A 40 -17.16 -4.98 35.62
C THR A 40 -16.73 -6.22 36.41
N LEU A 41 -15.72 -6.94 35.95
CA LEU A 41 -15.14 -8.03 36.72
C LEU A 41 -14.40 -7.48 37.97
N GLU A 42 -14.68 -8.05 39.14
CA GLU A 42 -14.02 -7.63 40.38
C GLU A 42 -12.50 -7.53 40.21
N ALA A 43 -11.90 -8.54 39.61
CA ALA A 43 -10.42 -8.60 39.46
C ALA A 43 -9.82 -7.41 38.74
N VAL A 44 -10.59 -6.85 37.80
CA VAL A 44 -10.10 -5.81 36.90
C VAL A 44 -11.10 -4.67 36.69
N ARG A 45 -11.94 -4.41 37.69
CA ARG A 45 -13.03 -3.45 37.52
C ARG A 45 -12.53 -2.09 37.11
N GLY A 46 -13.16 -1.52 36.09
CA GLY A 46 -12.79 -0.22 35.56
C GLY A 46 -11.79 -0.27 34.41
N ARG A 47 -11.11 -1.41 34.22
CA ARG A 47 -10.14 -1.55 33.11
C ARG A 47 -10.83 -1.68 31.72
N PRO A 48 -10.20 -1.13 30.68
CA PRO A 48 -10.72 -1.29 29.32
C PRO A 48 -10.56 -2.74 28.97
N PHE A 49 -11.59 -3.31 28.36
CA PHE A 49 -11.63 -4.74 28.07
C PHE A 49 -11.90 -4.83 26.57
N ALA A 50 -11.29 -5.83 25.90
CA ALA A 50 -11.50 -6.09 24.48
C ALA A 50 -11.98 -7.51 24.30
N ASP A 51 -12.72 -7.76 23.24
CA ASP A 51 -13.35 -9.06 23.01
C ASP A 51 -13.81 -9.16 21.54
N VAL A 52 -13.90 -10.39 21.03
CA VAL A 52 -14.17 -10.68 19.62
C VAL A 52 -15.65 -11.01 19.47
N LEU A 53 -16.38 -10.22 18.66
CA LEU A 53 -17.78 -10.51 18.37
C LEU A 53 -18.03 -10.70 16.89
N SER A 54 -18.90 -11.64 16.53
CA SER A 54 -19.42 -11.72 15.16
C SER A 54 -20.41 -10.52 14.95
N LEU A 55 -20.51 -10.05 13.72
CA LEU A 55 -21.41 -8.95 13.37
C LEU A 55 -21.87 -9.06 11.93
N SER A 56 -22.89 -8.27 11.60
CA SER A 56 -23.36 -8.11 10.25
C SER A 56 -24.11 -6.81 10.12
N ASP A 57 -23.91 -6.13 9.00
CA ASP A 57 -24.78 -5.00 8.70
C ASP A 57 -25.79 -5.28 7.60
N GLY A 58 -25.99 -6.54 7.21
CA GLY A 58 -26.88 -6.79 6.12
C GLY A 58 -26.42 -7.95 5.27
N PRO A 59 -27.34 -8.45 4.44
CA PRO A 59 -27.01 -9.48 3.46
C PRO A 59 -26.22 -8.87 2.29
N PRO A 60 -25.77 -9.73 1.36
CA PRO A 60 -24.93 -9.31 0.22
C PRO A 60 -25.52 -8.37 -0.86
N GLY A 61 -25.77 -7.11 -0.50
CA GLY A 61 -26.19 -6.08 -1.42
C GLY A 61 -27.10 -5.14 -0.67
N ALA A 62 -27.09 -5.29 0.65
CA ALA A 62 -27.94 -4.50 1.52
C ALA A 62 -27.24 -4.19 2.85
N GLY A 63 -25.95 -3.84 2.78
CA GLY A 63 -25.23 -3.45 3.99
C GLY A 63 -25.63 -2.06 4.38
N SER A 64 -26.25 -1.94 5.55
CA SER A 64 -26.80 -0.67 5.99
C SER A 64 -25.79 0.11 6.79
N GLY A 65 -24.63 -0.49 7.10
CA GLY A 65 -23.71 0.17 7.99
C GLY A 65 -23.99 -0.04 9.47
N VAL A 66 -25.16 -0.58 9.83
CA VAL A 66 -25.51 -0.69 11.26
C VAL A 66 -24.91 -1.98 11.80
N PRO A 67 -24.00 -1.95 12.77
CA PRO A 67 -23.43 -3.21 13.24
C PRO A 67 -24.46 -3.95 14.13
N TYR A 68 -24.98 -5.10 13.70
CA TYR A 68 -25.86 -5.90 14.56
C TYR A 68 -25.03 -6.98 15.19
N PHE A 69 -25.37 -7.36 16.42
CA PHE A 69 -24.68 -8.42 17.15
C PHE A 69 -25.74 -9.42 17.65
N TYR A 70 -25.33 -10.67 17.84
CA TYR A 70 -26.15 -11.64 18.57
C TYR A 70 -25.44 -12.06 19.86
N LEU A 71 -26.01 -11.65 20.99
CA LEU A 71 -25.33 -11.64 22.27
C LEU A 71 -26.06 -12.42 23.34
N SER A 72 -25.33 -12.88 24.35
CA SER A 72 -25.92 -13.59 25.48
C SER A 72 -25.53 -12.90 26.78
N PRO A 73 -26.44 -12.82 27.76
CA PRO A 73 -26.10 -12.30 29.10
C PRO A 73 -24.91 -13.03 29.74
N LEU A 74 -24.63 -14.28 29.35
CA LEU A 74 -23.44 -14.99 29.84
C LEU A 74 -22.08 -14.40 29.37
N GLN A 75 -22.09 -13.56 28.34
CA GLN A 75 -20.80 -13.06 27.82
C GLN A 75 -20.22 -11.95 28.67
N LEU A 76 -18.89 -11.95 28.82
CA LEU A 76 -18.18 -10.89 29.55
C LEU A 76 -18.52 -9.50 28.97
N SER A 77 -18.61 -9.39 27.62
CA SER A 77 -18.91 -8.05 27.08
C SER A 77 -20.28 -7.55 27.50
N VAL A 78 -21.24 -8.46 27.58
CA VAL A 78 -22.66 -8.12 27.86
C VAL A 78 -22.81 -7.75 29.36
N SER A 79 -22.16 -8.53 30.24
CA SER A 79 -22.16 -8.11 31.64
C SER A 79 -21.56 -6.68 31.80
N ASN A 80 -20.53 -6.35 31.03
CA ASN A 80 -20.00 -4.96 31.04
C ASN A 80 -21.04 -3.93 30.52
N LEU A 81 -21.73 -4.26 29.44
CA LEU A 81 -22.69 -3.31 28.82
C LEU A 81 -23.93 -3.03 29.63
N GLN A 82 -24.27 -3.95 30.51
CA GLN A 82 -25.41 -3.80 31.42
C GLN A 82 -25.13 -2.69 32.42
N GLU A 83 -23.86 -2.59 32.83
CA GLU A 83 -23.37 -1.53 33.71
C GLU A 83 -22.98 -0.21 33.04
N ASN A 84 -22.36 -0.29 31.86
CA ASN A 84 -21.98 0.88 31.06
C ASN A 84 -22.13 0.51 29.55
N PRO A 85 -23.13 1.09 28.86
CA PRO A 85 -23.43 0.67 27.48
C PRO A 85 -22.49 1.31 26.46
N TYR A 86 -21.56 2.16 26.90
CA TYR A 86 -20.59 2.76 25.97
C TYR A 86 -19.59 1.71 25.48
N ALA A 87 -19.34 1.77 24.18
CA ALA A 87 -18.42 0.81 23.57
C ALA A 87 -17.82 1.41 22.31
N THR A 88 -16.70 0.83 21.87
CA THR A 88 -16.07 1.15 20.59
C THR A 88 -15.76 -0.15 19.89
N LEU A 89 -16.20 -0.25 18.65
CA LEU A 89 -15.94 -1.42 17.79
C LEU A 89 -14.79 -1.07 16.80
N THR A 90 -13.79 -1.94 16.64
CA THR A 90 -12.83 -1.72 15.57
C THR A 90 -12.77 -2.89 14.63
N THR A 92 -10.68 -4.14 10.77
CA THR A 92 -9.53 -3.87 9.87
C THR A 92 -9.63 -4.73 8.61
N LEU A 93 -9.16 -4.20 7.48
CA LEU A 93 -9.11 -5.00 6.28
C LEU A 93 -8.09 -6.16 6.37
N ALA A 94 -7.27 -6.15 7.44
CA ALA A 94 -6.33 -7.22 7.76
C ALA A 94 -7.12 -8.50 8.12
N GLN A 95 -8.44 -8.36 8.31
CA GLN A 95 -9.34 -9.53 8.44
C GLN A 95 -9.57 -10.29 7.11
N THR A 96 -9.34 -9.59 5.99
CA THR A 96 -9.32 -10.21 4.65
C THR A 96 -7.89 -10.37 4.17
N ASN A 97 -7.72 -10.76 2.91
CA ASN A 97 -6.36 -10.87 2.35
C ASN A 97 -5.90 -9.53 1.75
N PHE A 98 -6.74 -8.50 1.88
CA PHE A 98 -6.41 -7.22 1.26
C PHE A 98 -5.02 -6.69 1.63
N CYS A 99 -4.68 -6.69 2.91
CA CYS A 99 -3.45 -6.03 3.33
C CYS A 99 -2.20 -6.84 2.95
N LYS A 100 -2.33 -8.16 3.04
CA LYS A 100 -1.25 -9.05 2.65
C LYS A 100 -0.98 -8.92 1.15
N LYS A 101 -2.02 -8.97 0.31
CA LYS A 101 -1.86 -8.92 -1.15
C LYS A 101 -1.21 -7.61 -1.67
N HIS A 102 -1.52 -6.51 -0.99
CA HIS A 102 -1.01 -5.20 -1.36
C HIS A 102 0.25 -4.83 -0.61
N GLY A 103 0.67 -5.65 0.34
CA GLY A 103 1.89 -5.33 1.06
C GLY A 103 1.71 -4.13 1.99
N PHE A 104 0.54 -4.06 2.65
CA PHE A 104 0.35 -3.05 3.68
C PHE A 104 0.40 -3.73 5.05
N ASP A 105 1.36 -3.35 5.87
CA ASP A 105 1.41 -3.86 7.26
C ASP A 105 0.07 -3.59 7.94
N PRO A 106 -0.39 -4.48 8.84
CA PRO A 106 -1.67 -4.24 9.52
C PRO A 106 -1.78 -2.87 10.22
N GLN A 107 -0.67 -2.27 10.64
CA GLN A 107 -0.70 -0.98 11.34
C GLN A 107 -0.44 0.22 10.40
N SER A 108 -0.12 -0.04 9.13
CA SER A 108 -0.14 1.03 8.14
C SER A 108 -1.60 1.51 7.90
N PRO A 109 -1.83 2.83 7.86
CA PRO A 109 -3.20 3.34 7.58
C PRO A 109 -3.66 2.88 6.22
N LEU A 110 -2.73 2.46 5.34
CA LEU A 110 -3.18 1.90 4.06
C LEU A 110 -3.90 0.58 4.26
N CYS A 111 -3.58 -0.14 5.34
CA CYS A 111 -4.37 -1.31 5.71
C CYS A 111 -5.55 -0.76 6.51
N VAL A 112 -6.61 -0.42 5.80
CA VAL A 112 -7.67 0.36 6.42
C VAL A 112 -8.21 -0.24 7.72
N HIS A 113 -8.22 0.55 8.79
CA HIS A 113 -9.02 0.20 9.92
C HIS A 113 -9.88 1.39 10.38
N ILE A 114 -11.01 1.05 10.97
CA ILE A 114 -11.95 2.07 11.45
C ILE A 114 -12.33 1.78 12.91
N LEU A 116 -15.69 2.65 15.46
CA LEU A 116 -17.05 3.17 15.58
C LEU A 116 -17.39 3.12 17.03
N SER A 117 -17.64 4.31 17.59
CA SER A 117 -17.86 4.45 19.00
C SER A 117 -19.30 4.92 19.26
N GLY A 118 -19.89 4.47 20.37
CA GLY A 118 -21.29 4.75 20.68
C GLY A 118 -21.79 3.93 21.87
N THR A 119 -23.06 3.49 21.81
CA THR A 119 -23.60 2.55 22.78
C THR A 119 -24.13 1.29 22.13
N VAL A 120 -24.05 0.20 22.87
CA VAL A 120 -24.68 -1.02 22.41
C VAL A 120 -26.01 -1.16 23.15
N THR A 121 -27.09 -1.34 22.39
CA THR A 121 -28.41 -1.56 23.02
C THR A 121 -29.10 -2.76 22.39
N LYS A 122 -30.13 -3.23 23.09
CA LYS A 122 -31.02 -4.26 22.55
C LYS A 122 -31.83 -3.65 21.43
N VAL A 123 -32.00 -4.42 20.35
CA VAL A 123 -32.74 -3.96 19.19
C VAL A 123 -34.26 -3.91 19.52
N ASN A 124 -34.92 -2.86 19.03
CA ASN A 124 -36.39 -2.74 18.99
C ASN A 124 -37.15 -3.87 18.34
N GLU A 125 -38.41 -4.08 18.80
CA GLU A 125 -39.34 -5.00 18.13
C GLU A 125 -39.38 -4.80 16.63
N THR A 126 -39.55 -3.54 16.19
CA THR A 126 -39.66 -3.28 14.73
C THR A 126 -38.38 -3.57 13.93
N GLU A 127 -37.23 -3.59 14.60
CA GLU A 127 -35.93 -3.80 13.94
C GLU A 127 -35.34 -5.22 14.16
N ASP A 129 -36.31 -8.10 13.05
CA ASP A 129 -36.29 -8.97 11.90
C ASP A 129 -35.13 -8.64 10.97
N ILE A 130 -34.91 -7.34 10.73
CA ILE A 130 -33.79 -6.94 9.91
C ILE A 130 -32.44 -7.37 10.56
N ALA A 131 -32.30 -7.21 11.88
CA ALA A 131 -31.10 -7.67 12.61
C ALA A 131 -30.90 -9.18 12.44
N LYS A 132 -32.01 -9.91 12.59
CA LYS A 132 -31.99 -11.36 12.48
C LYS A 132 -31.62 -11.79 11.11
N HIS A 133 -32.29 -11.21 10.13
CA HIS A 133 -31.99 -11.56 8.75
C HIS A 133 -30.50 -11.21 8.43
N SER A 134 -30.05 -10.00 8.80
CA SER A 134 -28.67 -9.56 8.58
C SER A 134 -27.67 -10.57 9.18
N LEU A 135 -27.88 -10.91 10.45
CA LEU A 135 -26.96 -11.80 11.19
C LEU A 135 -27.00 -13.27 10.71
N PHE A 136 -28.21 -13.82 10.58
CA PHE A 136 -28.35 -15.26 10.31
C PHE A 136 -27.90 -15.64 8.90
N ILE A 137 -28.09 -14.74 7.95
CA ILE A 137 -27.59 -14.93 6.61
C ILE A 137 -26.04 -14.88 6.58
N ARG A 138 -25.46 -13.93 7.30
CA ARG A 138 -23.99 -13.82 7.34
C ARG A 138 -23.41 -14.93 8.22
N HIS A 139 -24.13 -15.32 9.27
CA HIS A 139 -23.59 -16.27 10.24
C HIS A 139 -24.53 -17.46 10.45
N PRO A 140 -24.61 -18.39 9.48
CA PRO A 140 -25.58 -19.52 9.58
C PRO A 140 -25.45 -20.40 10.84
N GLU A 141 -24.27 -20.45 11.46
CA GLU A 141 -24.10 -21.24 12.68
C GLU A 141 -24.97 -20.75 13.85
N LYS A 143 -28.07 -20.06 14.07
CA LYS A 143 -29.33 -20.86 14.09
C LYS A 143 -29.21 -22.09 15.01
N THR A 144 -27.98 -22.61 15.15
CA THR A 144 -27.75 -23.78 16.02
C THR A 144 -27.29 -23.48 17.46
N TRP A 145 -27.04 -22.21 17.79
CA TRP A 145 -26.57 -21.86 19.13
C TRP A 145 -27.62 -22.17 20.20
N PRO A 146 -27.17 -22.57 21.38
CA PRO A 146 -28.09 -23.01 22.46
C PRO A 146 -29.13 -21.99 22.99
N SER A 147 -30.44 -22.28 22.92
CA SER A 147 -31.47 -21.34 23.46
C SER A 147 -31.28 -20.98 24.94
N SER A 148 -30.64 -21.88 25.67
CA SER A 148 -30.35 -21.73 27.08
C SER A 148 -29.45 -20.52 27.39
N HIS A 149 -28.78 -19.98 26.37
CA HIS A 149 -27.91 -18.81 26.53
C HIS A 149 -28.70 -17.49 26.38
N ASN A 150 -29.99 -17.61 26.07
CA ASN A 150 -30.88 -16.43 26.02
C ASN A 150 -30.34 -15.32 25.07
N TRP A 151 -30.03 -15.71 23.85
CA TRP A 151 -29.50 -14.79 22.82
C TRP A 151 -30.46 -13.63 22.58
N PHE A 152 -29.93 -12.42 22.41
CA PHE A 152 -30.73 -11.31 21.94
C PHE A 152 -29.98 -10.54 20.85
N PHE A 153 -30.76 -9.85 20.02
CA PHE A 153 -30.24 -8.98 18.95
C PHE A 153 -29.92 -7.62 19.50
N ALA A 154 -28.69 -7.19 19.25
CA ALA A 154 -28.19 -5.92 19.75
C ALA A 154 -27.67 -5.08 18.57
N LYS A 155 -27.52 -3.77 18.76
CA LYS A 155 -26.85 -2.97 17.75
C LYS A 155 -25.93 -1.94 18.38
N LEU A 156 -24.99 -1.45 17.58
CA LEU A 156 -24.16 -0.31 17.95
C LEU A 156 -24.83 0.93 17.34
N ASN A 157 -25.17 1.83 18.23
CA ASN A 157 -25.65 3.19 17.92
C ASN A 157 -24.44 4.10 17.81
N ILE A 158 -24.11 4.55 16.60
CA ILE A 158 -22.81 5.20 16.40
C ILE A 158 -22.91 6.71 16.63
N THR A 159 -22.13 7.25 17.56
CA THR A 159 -22.04 8.68 17.65
C THR A 159 -20.73 9.25 17.16
N ASN A 160 -19.65 8.45 17.15
CA ASN A 160 -18.34 8.92 16.70
C ASN A 160 -17.66 7.88 15.81
N ILE A 161 -16.97 8.36 14.79
CA ILE A 161 -16.30 7.52 13.81
C ILE A 161 -14.92 8.09 13.45
N TRP A 162 -13.89 7.24 13.53
CA TRP A 162 -12.53 7.55 13.07
C TRP A 162 -12.14 6.57 11.96
N VAL A 163 -11.49 7.07 10.90
CA VAL A 163 -11.11 6.25 9.76
C VAL A 163 -9.61 6.44 9.58
N LEU A 164 -8.90 5.31 9.60
CA LEU A 164 -7.47 5.35 9.27
C LEU A 164 -7.33 4.70 7.92
N ASP A 165 -7.24 5.53 6.87
CA ASP A 165 -7.16 4.94 5.54
C ASP A 165 -6.05 5.58 4.68
N TYR A 166 -5.29 6.48 5.28
CA TYR A 166 -4.17 7.13 4.58
C TYR A 166 -3.20 7.76 5.56
N PHE A 167 -2.03 8.17 5.05
CA PHE A 167 -1.16 9.03 5.82
C PHE A 167 -1.89 10.35 6.21
N GLY A 168 -1.39 10.98 7.26
CA GLY A 168 -1.88 12.28 7.68
C GLY A 168 -2.78 12.20 8.91
N GLY A 169 -2.90 11.01 9.50
CA GLY A 169 -3.77 10.88 10.67
C GLY A 169 -5.25 10.49 10.41
N PRO A 170 -6.01 10.32 11.51
CA PRO A 170 -7.41 9.87 11.44
C PRO A 170 -8.32 10.87 10.75
N LYS A 171 -9.30 10.35 10.02
CA LYS A 171 -10.30 11.20 9.38
C LYS A 171 -11.57 10.96 10.17
N ILE A 172 -12.21 12.06 10.55
CA ILE A 172 -13.40 12.02 11.41
C ILE A 172 -14.55 11.99 10.45
N VAL A 173 -15.56 11.15 10.73
CA VAL A 173 -16.73 11.01 9.87
C VAL A 173 -17.92 11.12 10.81
N THR A 174 -18.90 11.93 10.47
CA THR A 174 -20.08 12.01 11.30
C THR A 174 -21.00 10.84 10.99
N PRO A 175 -21.81 10.43 11.96
CA PRO A 175 -22.84 9.41 11.72
C PRO A 175 -23.68 9.75 10.51
N GLU A 176 -23.97 11.04 10.28
CA GLU A 176 -24.89 11.33 9.20
C GLU A 176 -24.21 11.17 7.85
N GLU A 177 -22.92 11.52 7.78
CA GLU A 177 -22.15 11.19 6.57
C GLU A 177 -22.10 9.69 6.36
N TYR A 178 -21.80 8.97 7.43
CA TYR A 178 -21.65 7.49 7.28
C TYR A 178 -22.96 6.87 6.75
N TYR A 179 -24.11 7.26 7.35
CA TYR A 179 -25.40 6.69 6.95
C TYR A 179 -26.03 7.29 5.67
N ASN A 180 -25.48 8.42 5.20
CA ASN A 180 -25.94 8.94 3.90
C ASN A 180 -25.20 8.32 2.70
N VAL A 181 -24.15 7.53 2.95
CA VAL A 181 -23.54 6.76 1.86
C VAL A 181 -24.54 5.83 1.17
N THR A 182 -24.60 5.88 -0.15
CA THR A 182 -25.38 4.93 -0.91
C THR A 182 -24.44 3.92 -1.61
N SER B 12 0.81 -26.65 15.10
CA SER B 12 -0.65 -26.98 15.19
C SER B 12 -1.26 -26.64 16.58
N LEU B 13 -2.58 -26.43 16.63
CA LEU B 13 -3.23 -26.00 17.87
C LEU B 13 -3.07 -27.03 19.00
N PRO B 14 -2.60 -26.58 20.16
CA PRO B 14 -2.48 -27.44 21.35
C PRO B 14 -3.86 -27.96 21.83
N PRO B 15 -3.85 -29.04 22.61
CA PRO B 15 -5.08 -29.60 23.14
C PRO B 15 -5.82 -28.49 23.86
N ARG B 16 -7.12 -28.42 23.64
CA ARG B 16 -7.90 -27.31 24.21
C ARG B 16 -7.93 -27.26 25.74
N GLU B 17 -7.66 -28.41 26.39
CA GLU B 17 -7.68 -28.44 27.86
C GLU B 17 -6.43 -27.75 28.44
N ASP B 18 -5.39 -27.62 27.61
CA ASP B 18 -4.15 -26.95 28.05
C ASP B 18 -4.20 -25.45 27.69
N ALA B 19 -4.89 -24.67 28.53
CA ALA B 19 -5.18 -23.28 28.25
C ALA B 19 -3.94 -22.40 28.18
N ALA B 20 -2.95 -22.65 29.04
CA ALA B 20 -1.72 -21.87 28.98
C ALA B 20 -1.01 -22.05 27.63
N ARG B 21 -0.91 -23.31 27.19
CA ARG B 21 -0.31 -23.59 25.90
C ARG B 21 -1.10 -22.99 24.74
N VAL B 22 -2.41 -23.06 24.85
CA VAL B 22 -3.26 -22.48 23.81
C VAL B 22 -3.04 -20.98 23.68
N ALA B 23 -3.08 -20.25 24.80
CA ALA B 23 -2.75 -18.82 24.83
C ALA B 23 -1.39 -18.46 24.18
N ARG B 24 -0.34 -19.16 24.56
CA ARG B 24 0.98 -18.96 23.93
C ARG B 24 0.99 -19.22 22.43
N PHE B 25 0.24 -20.23 21.99
CA PHE B 25 0.10 -20.53 20.56
C PHE B 25 -0.58 -19.37 19.82
N VAL B 26 -1.72 -18.90 20.36
CA VAL B 26 -2.44 -17.79 19.73
C VAL B 26 -1.66 -16.46 19.73
N THR B 27 -1.07 -16.08 20.85
CA THR B 27 -0.20 -14.89 20.86
C THR B 27 0.90 -14.99 19.75
N HIS B 28 1.54 -16.15 19.67
CA HIS B 28 2.66 -16.27 18.74
C HIS B 28 2.24 -16.24 17.28
N VAL B 29 1.11 -16.87 16.95
CA VAL B 29 0.71 -16.88 15.53
C VAL B 29 0.06 -15.57 15.08
N SER B 30 -0.24 -14.64 16.01
CA SER B 30 -0.89 -13.35 15.62
C SER B 30 0.12 -12.28 15.24
N ASP B 31 -0.08 -11.61 14.08
CA ASP B 31 0.80 -10.51 13.63
C ASP B 31 0.20 -9.17 14.06
N TRP B 32 -1.06 -9.23 14.51
CA TRP B 32 -1.71 -8.02 14.96
C TRP B 32 -2.77 -8.37 15.99
N GLY B 33 -3.37 -7.36 16.64
CA GLY B 33 -4.50 -7.65 17.51
C GLY B 33 -5.20 -6.34 17.78
N ALA B 34 -6.29 -6.38 18.53
CA ALA B 34 -7.05 -5.19 18.88
C ALA B 34 -6.79 -4.84 20.32
N LEU B 35 -6.46 -3.56 20.57
CA LEU B 35 -6.13 -3.07 21.93
C LEU B 35 -7.21 -2.10 22.45
N ALA B 36 -7.79 -2.42 23.60
CA ALA B 36 -8.80 -1.62 24.25
C ALA B 36 -8.09 -0.69 25.23
N THR B 37 -8.41 0.59 25.15
CA THR B 37 -7.91 1.61 26.09
C THR B 37 -9.05 2.52 26.55
N ILE B 38 -8.76 3.45 27.48
CA ILE B 38 -9.78 4.43 27.86
C ILE B 38 -9.47 5.71 27.07
N SER B 39 -10.49 6.26 26.41
CA SER B 39 -10.26 7.42 25.59
C SER B 39 -9.92 8.67 26.43
N THR B 40 -8.94 9.44 25.97
CA THR B 40 -8.68 10.75 26.57
C THR B 40 -9.28 11.89 25.74
N LEU B 41 -9.78 11.60 24.54
CA LEU B 41 -10.42 12.64 23.70
C LEU B 41 -11.62 13.26 24.42
N GLU B 42 -11.69 14.59 24.51
CA GLU B 42 -12.69 15.24 25.40
C GLU B 42 -14.15 14.83 25.09
N ALA B 43 -14.48 14.76 23.80
CA ALA B 43 -15.79 14.33 23.30
C ALA B 43 -16.23 12.91 23.74
N VAL B 44 -15.26 12.00 23.91
CA VAL B 44 -15.58 10.65 24.37
C VAL B 44 -14.78 10.32 25.63
N ARG B 45 -14.37 11.34 26.39
CA ARG B 45 -13.52 11.16 27.56
C ARG B 45 -14.07 10.10 28.51
N GLY B 46 -13.23 9.11 28.83
CA GLY B 46 -13.62 8.08 29.76
C GLY B 46 -14.28 6.85 29.17
N ARG B 47 -14.65 6.93 27.89
CA ARG B 47 -15.34 5.83 27.22
C ARG B 47 -14.28 4.82 26.68
N PRO B 48 -14.63 3.54 26.59
CA PRO B 48 -13.68 2.58 26.05
C PRO B 48 -13.41 2.83 24.59
N PHE B 49 -12.19 2.57 24.19
CA PHE B 49 -11.74 2.83 22.84
C PHE B 49 -11.08 1.54 22.34
N ALA B 50 -11.12 1.30 21.02
CA ALA B 50 -10.44 0.11 20.49
C ALA B 50 -9.67 0.49 19.26
N ASP B 51 -8.57 -0.23 19.01
CA ASP B 51 -7.62 0.18 18.01
C ASP B 51 -6.92 -1.09 17.51
N VAL B 52 -6.33 -1.03 16.33
CA VAL B 52 -5.66 -2.17 15.72
C VAL B 52 -4.13 -1.90 15.76
N LEU B 53 -3.38 -2.82 16.36
CA LEU B 53 -1.91 -2.68 16.42
C LEU B 53 -1.20 -3.89 15.85
N SER B 54 -0.08 -3.65 15.16
CA SER B 54 0.82 -4.76 14.80
C SER B 54 1.57 -5.25 16.07
N LEU B 55 1.88 -6.54 16.13
CA LEU B 55 2.60 -7.06 17.31
C LEU B 55 3.47 -8.28 16.95
N SER B 56 4.35 -8.68 17.88
CA SER B 56 5.17 -9.88 17.72
C SER B 56 5.66 -10.29 19.08
N ASP B 57 5.68 -11.57 19.33
CA ASP B 57 6.32 -12.10 20.54
C ASP B 57 7.63 -12.80 20.22
N GLY B 58 8.04 -12.74 18.97
CA GLY B 58 9.33 -13.30 18.61
C GLY B 58 9.34 -13.94 17.26
N PRO B 59 10.54 -14.31 16.81
CA PRO B 59 10.76 -14.89 15.48
C PRO B 59 10.26 -16.31 15.32
N PRO B 60 10.26 -16.82 14.08
CA PRO B 60 9.66 -18.10 13.72
C PRO B 60 9.81 -19.27 14.70
N GLY B 61 10.91 -19.38 15.43
CA GLY B 61 10.99 -20.49 16.34
C GLY B 61 11.02 -20.15 17.81
N ALA B 62 10.97 -18.86 18.14
CA ALA B 62 11.21 -18.38 19.49
C ALA B 62 10.16 -17.36 19.94
N GLY B 63 8.88 -17.77 19.96
CA GLY B 63 7.85 -16.94 20.56
C GLY B 63 7.88 -17.00 22.08
N SER B 64 8.02 -15.86 22.76
CA SER B 64 8.14 -15.82 24.22
C SER B 64 6.83 -15.51 24.94
N GLY B 65 5.78 -15.18 24.17
CA GLY B 65 4.50 -14.84 24.78
C GLY B 65 4.42 -13.34 25.09
N VAL B 66 5.56 -12.63 25.08
CA VAL B 66 5.56 -11.19 25.34
C VAL B 66 5.04 -10.40 24.09
N PRO B 67 3.92 -9.70 24.20
CA PRO B 67 3.45 -8.90 23.05
C PRO B 67 4.23 -7.61 22.96
N TYR B 68 5.08 -7.45 21.94
CA TYR B 68 5.80 -6.20 21.69
C TYR B 68 5.05 -5.36 20.67
N PHE B 69 5.01 -4.03 20.90
CA PHE B 69 4.50 -3.07 19.93
C PHE B 69 5.53 -2.02 19.53
N TYR B 70 5.33 -1.45 18.36
CA TYR B 70 6.06 -0.28 17.84
C TYR B 70 5.05 0.86 17.66
N LEU B 71 5.21 1.89 18.50
CA LEU B 71 4.20 2.95 18.69
C LEU B 71 4.73 4.37 18.53
N SER B 72 3.83 5.29 18.25
CA SER B 72 4.20 6.69 18.07
C SER B 72 3.37 7.50 19.03
N PRO B 73 3.99 8.54 19.61
CA PRO B 73 3.26 9.53 20.40
C PRO B 73 2.09 10.17 19.62
N LEU B 74 2.12 10.15 18.30
CA LEU B 74 1.04 10.68 17.47
C LEU B 74 -0.25 9.84 17.58
N GLN B 75 -0.10 8.56 17.90
CA GLN B 75 -1.26 7.66 17.87
C GLN B 75 -2.27 7.91 18.96
N LEU B 76 -3.54 7.81 18.60
CA LEU B 76 -4.64 7.90 19.56
C LEU B 76 -4.46 6.97 20.79
N SER B 77 -4.11 5.70 20.55
CA SER B 77 -3.95 4.74 21.65
C SER B 77 -2.83 5.16 22.59
N VAL B 78 -1.77 5.75 22.03
CA VAL B 78 -0.67 6.23 22.88
C VAL B 78 -1.07 7.41 23.75
N SER B 79 -1.84 8.35 23.19
CA SER B 79 -2.45 9.46 23.99
C SER B 79 -3.27 8.89 25.13
N ASN B 80 -3.99 7.83 24.82
CA ASN B 80 -4.79 7.19 25.85
C ASN B 80 -3.93 6.58 26.94
N LEU B 81 -2.87 5.86 26.54
CA LEU B 81 -2.03 5.16 27.50
C LEU B 81 -1.23 6.09 28.42
N GLN B 82 -0.96 7.29 27.91
CA GLN B 82 -0.31 8.33 28.71
C GLN B 82 -1.17 8.75 29.92
N GLU B 83 -2.49 8.71 29.77
CA GLU B 83 -3.40 9.05 30.87
C GLU B 83 -3.94 7.84 31.66
N ASN B 84 -3.86 6.64 31.07
CA ASN B 84 -4.27 5.38 31.75
C ASN B 84 -3.59 4.28 30.97
N PRO B 85 -2.56 3.67 31.57
CA PRO B 85 -1.74 2.69 30.86
C PRO B 85 -2.37 1.29 30.88
N TYR B 86 -3.55 1.12 31.45
CA TYR B 86 -4.21 -0.18 31.35
C TYR B 86 -4.75 -0.42 29.94
N ALA B 87 -4.66 -1.67 29.52
CA ALA B 87 -5.09 -2.06 28.20
C ALA B 87 -5.42 -3.56 28.23
N THR B 88 -6.31 -3.95 27.31
CA THR B 88 -6.63 -5.35 27.07
C THR B 88 -6.47 -5.61 25.57
N LEU B 89 -5.63 -6.60 25.25
CA LEU B 89 -5.38 -6.98 23.87
C LEU B 89 -6.18 -8.23 23.59
N THR B 90 -6.92 -8.24 22.49
CA THR B 90 -7.58 -9.46 22.06
C THR B 90 -7.10 -9.98 20.70
N THR B 92 -7.70 -13.40 17.80
CA THR B 92 -8.49 -14.58 17.45
C THR B 92 -7.83 -15.38 16.33
N LEU B 93 -7.97 -16.72 16.34
CA LEU B 93 -7.57 -17.55 15.20
C LEU B 93 -8.36 -17.25 13.93
N ALA B 94 -9.40 -16.44 14.03
CA ALA B 94 -10.08 -15.98 12.81
C ALA B 94 -9.19 -15.07 12.00
N GLN B 95 -8.06 -14.66 12.59
CA GLN B 95 -7.09 -13.85 11.88
C GLN B 95 -6.26 -14.72 10.89
N THR B 96 -6.34 -16.03 11.05
CA THR B 96 -5.76 -17.02 10.15
C THR B 96 -6.92 -17.71 9.42
N ASN B 97 -6.60 -18.79 8.71
CA ASN B 97 -7.64 -19.51 7.99
C ASN B 97 -8.24 -20.62 8.82
N PHE B 98 -7.73 -20.79 10.04
CA PHE B 98 -8.18 -21.82 10.97
C PHE B 98 -9.70 -21.93 11.10
N CYS B 99 -10.38 -20.80 11.32
CA CYS B 99 -11.80 -20.88 11.59
C CYS B 99 -12.61 -21.14 10.31
N LYS B 100 -12.18 -20.52 9.21
CA LYS B 100 -12.85 -20.69 7.92
C LYS B 100 -12.79 -22.15 7.50
N LYS B 101 -11.60 -22.70 7.64
CA LYS B 101 -11.26 -24.08 7.26
C LYS B 101 -12.06 -25.13 8.04
N HIS B 102 -12.32 -24.88 9.35
CA HIS B 102 -13.15 -25.76 10.20
C HIS B 102 -14.63 -25.44 10.27
N GLY B 103 -15.03 -24.32 9.68
CA GLY B 103 -16.42 -23.93 9.63
C GLY B 103 -16.88 -23.40 10.99
N PHE B 104 -15.94 -22.85 11.78
CA PHE B 104 -16.23 -22.31 13.11
C PHE B 104 -16.56 -20.82 12.94
N ASP B 105 -17.75 -20.44 13.37
CA ASP B 105 -18.09 -19.02 13.49
C ASP B 105 -17.06 -18.24 14.34
N PRO B 106 -16.70 -17.02 13.97
CA PRO B 106 -15.71 -16.22 14.77
C PRO B 106 -16.09 -16.05 16.21
N GLN B 107 -17.39 -16.03 16.51
CA GLN B 107 -17.83 -15.93 17.90
C GLN B 107 -17.93 -17.29 18.63
N SER B 108 -17.77 -18.42 17.92
CA SER B 108 -17.78 -19.74 18.57
C SER B 108 -16.50 -19.87 19.32
N PRO B 109 -16.58 -20.41 20.52
CA PRO B 109 -15.37 -20.60 21.30
C PRO B 109 -14.47 -21.66 20.68
N LEU B 110 -14.96 -22.47 19.72
CA LEU B 110 -14.08 -23.35 18.90
C LEU B 110 -13.14 -22.53 18.03
N CYS B 111 -13.61 -21.36 17.57
CA CYS B 111 -12.71 -20.37 16.96
C CYS B 111 -11.93 -19.63 18.06
N VAL B 112 -10.79 -20.22 18.44
CA VAL B 112 -10.18 -19.86 19.70
C VAL B 112 -9.91 -18.36 19.71
N HIS B 113 -10.27 -17.67 20.79
CA HIS B 113 -9.72 -16.33 20.99
C HIS B 113 -9.27 -16.16 22.43
N ILE B 114 -8.36 -15.20 22.68
CA ILE B 114 -7.88 -14.91 24.02
C ILE B 114 -7.87 -13.39 24.28
N LEU B 116 -5.65 -10.70 26.76
CA LEU B 116 -4.55 -10.41 27.68
C LEU B 116 -4.70 -8.98 28.19
N SER B 117 -4.79 -8.82 29.50
CA SER B 117 -4.93 -7.50 30.06
C SER B 117 -3.75 -7.18 30.99
N GLY B 118 -3.42 -5.89 31.12
CA GLY B 118 -2.27 -5.45 31.91
C GLY B 118 -2.03 -3.99 31.62
N THR B 119 -0.76 -3.61 31.68
CA THR B 119 -0.35 -2.26 31.34
C THR B 119 0.60 -2.24 30.18
N VAL B 120 0.55 -1.13 29.43
CA VAL B 120 1.46 -0.99 28.30
C VAL B 120 2.61 -0.03 28.70
N THR B 121 3.85 -0.48 28.59
CA THR B 121 4.99 0.41 28.88
C THR B 121 6.00 0.43 27.76
N LYS B 122 6.74 1.56 27.68
CA LYS B 122 7.93 1.62 26.85
C LYS B 122 8.93 0.57 27.34
N VAL B 123 9.46 -0.20 26.42
CA VAL B 123 10.45 -1.23 26.74
C VAL B 123 11.76 -0.53 27.25
N ASN B 124 12.45 -1.19 28.21
CA ASN B 124 13.74 -0.68 28.70
C ASN B 124 14.93 -1.07 27.84
N GLU B 125 16.05 -0.47 28.15
CA GLU B 125 17.27 -0.62 27.39
C GLU B 125 17.70 -2.08 27.20
N THR B 126 17.54 -2.91 28.25
CA THR B 126 17.96 -4.33 28.19
C THR B 126 17.17 -5.14 27.15
N GLU B 127 15.86 -4.85 27.12
CA GLU B 127 14.91 -5.60 26.31
C GLU B 127 14.70 -4.98 24.92
N ASP B 129 16.65 -4.64 22.32
CA ASP B 129 17.16 -5.46 21.19
C ASP B 129 16.31 -6.70 20.82
N ILE B 130 15.76 -7.34 21.86
CA ILE B 130 14.85 -8.42 21.60
C ILE B 130 13.50 -7.90 21.05
N ALA B 131 13.00 -6.79 21.58
CA ALA B 131 11.78 -6.15 21.06
C ALA B 131 11.91 -5.76 19.60
N LYS B 132 13.02 -5.12 19.29
CA LYS B 132 13.30 -4.68 17.94
C LYS B 132 13.35 -5.85 16.98
N HIS B 133 14.14 -6.86 17.35
CA HIS B 133 14.31 -8.05 16.52
C HIS B 133 13.01 -8.86 16.35
N SER B 134 12.31 -9.09 17.45
CA SER B 134 10.99 -9.72 17.40
C SER B 134 10.09 -8.94 16.45
N LEU B 135 10.05 -7.62 16.56
CA LEU B 135 9.09 -6.85 15.75
C LEU B 135 9.50 -6.71 14.30
N PHE B 136 10.77 -6.35 14.06
CA PHE B 136 11.25 -6.07 12.70
C PHE B 136 11.31 -7.28 11.76
N ILE B 137 11.59 -8.45 12.32
CA ILE B 137 11.53 -9.70 11.55
C ILE B 137 10.10 -10.04 11.10
N ARG B 138 9.17 -9.89 12.02
CA ARG B 138 7.76 -10.18 11.76
C ARG B 138 7.12 -9.07 10.90
N HIS B 139 7.55 -7.83 11.11
CA HIS B 139 7.00 -6.65 10.41
C HIS B 139 8.13 -5.83 9.68
N PRO B 140 8.62 -6.32 8.54
CA PRO B 140 9.69 -5.65 7.75
C PRO B 140 9.39 -4.19 7.30
N GLU B 141 8.11 -3.85 7.18
CA GLU B 141 7.73 -2.47 6.89
C GLU B 141 8.13 -1.45 7.97
N LYS B 143 10.85 -0.91 9.41
CA LYS B 143 12.18 -0.36 9.12
C LYS B 143 12.04 0.91 8.32
N THR B 144 10.95 1.02 7.54
CA THR B 144 10.69 2.11 6.61
C THR B 144 9.71 3.18 7.16
N TRP B 145 9.17 2.96 8.35
CA TRP B 145 8.22 3.93 8.89
C TRP B 145 8.89 5.30 9.07
N PRO B 146 8.12 6.39 9.02
CA PRO B 146 8.70 7.76 9.07
C PRO B 146 9.39 8.14 10.42
N SER B 147 10.70 8.43 10.39
CA SER B 147 11.48 8.67 11.61
C SER B 147 10.90 9.81 12.45
N SER B 148 10.29 10.78 11.77
CA SER B 148 9.72 11.96 12.44
C SER B 148 8.54 11.65 13.38
N HIS B 149 8.03 10.41 13.33
CA HIS B 149 6.85 10.09 14.15
C HIS B 149 7.33 9.57 15.50
N ASN B 150 8.65 9.49 15.67
CA ASN B 150 9.22 9.28 17.01
C ASN B 150 8.82 7.90 17.59
N TRP B 151 9.03 6.83 16.80
CA TRP B 151 8.67 5.45 17.15
C TRP B 151 9.42 4.98 18.38
N PHE B 152 8.69 4.34 19.30
CA PHE B 152 9.31 3.66 20.46
C PHE B 152 8.80 2.20 20.61
N PHE B 153 9.65 1.34 21.16
CA PHE B 153 9.23 -0.04 21.44
C PHE B 153 8.48 -0.11 22.76
N ALA B 154 7.37 -0.87 22.75
CA ALA B 154 6.56 -0.98 23.90
C ALA B 154 6.16 -2.44 24.14
N LYS B 155 5.61 -2.72 25.31
CA LYS B 155 5.11 -4.07 25.55
C LYS B 155 3.89 -4.08 26.44
N LEU B 156 3.11 -5.17 26.34
CA LEU B 156 2.07 -5.40 27.31
C LEU B 156 2.64 -6.17 28.50
N ASN B 157 2.50 -5.61 29.69
CA ASN B 157 2.82 -6.34 30.92
C ASN B 157 1.56 -7.02 31.37
N ILE B 158 1.52 -8.33 31.18
CA ILE B 158 0.28 -9.10 31.34
C ILE B 158 0.02 -9.42 32.80
N THR B 159 -1.15 -9.06 33.29
CA THR B 159 -1.55 -9.48 34.64
C THR B 159 -2.73 -10.46 34.66
N ASN B 160 -3.56 -10.44 33.62
CA ASN B 160 -4.73 -11.30 33.55
C ASN B 160 -4.93 -11.91 32.15
N ILE B 161 -5.39 -13.16 32.10
CA ILE B 161 -5.54 -13.88 30.81
C ILE B 161 -6.84 -14.67 30.84
N TRP B 162 -7.62 -14.55 29.75
CA TRP B 162 -8.84 -15.33 29.55
C TRP B 162 -8.68 -16.06 28.26
N VAL B 163 -9.00 -17.35 28.28
CA VAL B 163 -8.90 -18.15 27.08
C VAL B 163 -10.27 -18.76 26.76
N LEU B 164 -10.78 -18.46 25.56
CA LEU B 164 -12.02 -19.01 25.06
C LEU B 164 -11.73 -20.01 23.94
N ASP B 165 -11.62 -21.29 24.34
CA ASP B 165 -11.27 -22.37 23.39
C ASP B 165 -12.20 -23.57 23.44
N TYR B 166 -13.23 -23.48 24.26
CA TYR B 166 -14.24 -24.52 24.27
C TYR B 166 -15.47 -23.92 24.89
N PHE B 167 -16.58 -24.68 24.81
CA PHE B 167 -17.82 -24.31 25.49
C PHE B 167 -17.67 -24.13 26.97
N GLY B 168 -18.50 -23.25 27.56
CA GLY B 168 -18.41 -23.05 28.99
C GLY B 168 -17.76 -21.73 29.32
N GLY B 169 -17.36 -21.51 30.57
CA GLY B 169 -16.76 -20.19 30.85
C GLY B 169 -15.43 -19.92 30.07
N PRO B 170 -14.92 -18.67 30.11
CA PRO B 170 -13.51 -18.39 29.86
C PRO B 170 -12.66 -19.23 30.79
N LYS B 171 -11.51 -19.69 30.29
CA LYS B 171 -10.55 -20.37 31.14
C LYS B 171 -9.52 -19.32 31.59
N ILE B 172 -9.25 -19.28 32.89
CA ILE B 172 -8.39 -18.22 33.44
C ILE B 172 -6.99 -18.80 33.54
N VAL B 173 -6.01 -18.06 33.07
CA VAL B 173 -4.65 -18.55 33.07
C VAL B 173 -3.83 -17.50 33.80
N THR B 174 -2.86 -17.89 34.65
CA THR B 174 -2.04 -16.88 35.36
C THR B 174 -0.89 -16.47 34.44
N PRO B 175 -0.40 -15.25 34.57
CA PRO B 175 0.82 -14.87 33.85
C PRO B 175 1.95 -15.86 34.10
N GLU B 176 2.06 -16.35 35.35
CA GLU B 176 3.10 -17.36 35.61
C GLU B 176 2.93 -18.65 34.80
N GLU B 177 1.70 -19.17 34.74
CA GLU B 177 1.40 -20.33 33.94
C GLU B 177 1.67 -20.03 32.46
N TYR B 178 1.23 -18.88 31.96
CA TYR B 178 1.48 -18.48 30.57
C TYR B 178 2.99 -18.45 30.22
N TYR B 179 3.78 -17.86 31.09
CA TYR B 179 5.20 -17.70 30.79
C TYR B 179 6.05 -18.94 31.05
N ASN B 180 5.43 -19.93 31.69
CA ASN B 180 6.15 -21.13 32.06
C ASN B 180 6.07 -22.16 30.96
N VAL B 181 5.19 -21.94 29.99
CA VAL B 181 5.16 -22.75 28.79
C VAL B 181 6.49 -22.64 28.05
N THR B 182 6.94 -23.75 27.47
CA THR B 182 8.02 -23.76 26.49
C THR B 182 7.68 -22.89 25.25
N SER C 12 31.72 12.62 -13.84
CA SER C 12 31.62 11.38 -14.70
C SER C 12 31.27 10.09 -13.92
N LEU C 13 30.91 9.04 -14.67
CA LEU C 13 30.43 7.79 -14.09
C LEU C 13 31.38 7.12 -13.07
N PRO C 14 30.88 6.87 -11.85
CA PRO C 14 31.66 6.14 -10.84
C PRO C 14 31.96 4.71 -11.29
N PRO C 15 32.87 4.01 -10.60
CA PRO C 15 33.13 2.60 -10.93
C PRO C 15 31.86 1.74 -10.86
N ARG C 16 31.59 1.09 -11.99
CA ARG C 16 30.45 0.16 -12.14
C ARG C 16 30.27 -0.83 -10.99
N GLU C 17 31.38 -1.22 -10.34
CA GLU C 17 31.34 -2.08 -9.16
C GLU C 17 30.73 -1.40 -7.91
N ASP C 18 30.84 -0.07 -7.83
CA ASP C 18 30.34 0.59 -6.64
C ASP C 18 28.89 0.95 -6.97
N ALA C 19 28.02 -0.04 -6.84
CA ALA C 19 26.61 0.11 -7.28
C ALA C 19 25.84 1.23 -6.57
N ALA C 20 26.09 1.43 -5.27
CA ALA C 20 25.47 2.56 -4.56
C ALA C 20 25.86 3.92 -5.08
N ARG C 21 27.14 4.10 -5.35
CA ARG C 21 27.62 5.37 -5.87
C ARG C 21 27.08 5.61 -7.25
N VAL C 22 27.02 4.56 -8.06
CA VAL C 22 26.46 4.66 -9.39
C VAL C 22 24.99 5.09 -9.31
N ALA C 23 24.23 4.43 -8.43
CA ALA C 23 22.79 4.77 -8.26
C ALA C 23 22.67 6.26 -7.89
N ARG C 24 23.54 6.70 -6.98
CA ARG C 24 23.42 8.07 -6.46
C ARG C 24 23.73 9.05 -7.57
N PHE C 25 24.72 8.69 -8.41
CA PHE C 25 25.05 9.44 -9.62
C PHE C 25 23.85 9.61 -10.59
N VAL C 26 23.18 8.51 -10.94
CA VAL C 26 22.03 8.56 -11.86
C VAL C 26 20.91 9.44 -11.31
N THR C 27 20.54 9.22 -10.05
CA THR C 27 19.55 10.08 -9.40
C THR C 27 19.90 11.58 -9.50
N HIS C 28 21.16 11.89 -9.18
CA HIS C 28 21.59 13.26 -9.20
C HIS C 28 21.57 13.93 -10.59
N VAL C 29 22.01 13.22 -11.64
CA VAL C 29 22.04 13.86 -12.98
C VAL C 29 20.69 13.89 -13.70
N SER C 30 19.70 13.21 -13.14
CA SER C 30 18.38 13.15 -13.77
C SER C 30 17.52 14.38 -13.39
N ASP C 31 16.96 15.05 -14.39
CA ASP C 31 16.01 16.14 -14.11
C ASP C 31 14.58 15.68 -14.16
N TRP C 32 14.37 14.44 -14.61
CA TRP C 32 13.03 13.84 -14.68
C TRP C 32 13.16 12.33 -14.62
N GLY C 33 12.05 11.62 -14.49
CA GLY C 33 12.07 10.15 -14.58
C GLY C 33 10.69 9.63 -14.88
N ALA C 34 10.59 8.32 -15.09
CA ALA C 34 9.28 7.74 -15.30
C ALA C 34 8.78 7.06 -14.01
N LEU C 35 7.55 7.32 -13.67
CA LEU C 35 6.99 6.74 -12.48
C LEU C 35 5.86 5.79 -12.81
N ALA C 36 6.00 4.54 -12.32
CA ALA C 36 4.98 3.54 -12.40
C ALA C 36 4.12 3.54 -11.17
N THR C 37 2.81 3.61 -11.40
CA THR C 37 1.82 3.50 -10.33
C THR C 37 0.74 2.52 -10.74
N ILE C 38 -0.18 2.25 -9.82
CA ILE C 38 -1.41 1.50 -10.12
C ILE C 38 -2.54 2.42 -10.54
N SER C 39 -3.09 2.20 -11.72
CA SER C 39 -4.09 3.11 -12.25
C SER C 39 -5.41 3.07 -11.46
N THR C 40 -5.98 4.25 -11.23
CA THR C 40 -7.34 4.33 -10.69
C THR C 40 -8.34 4.83 -11.73
N LEU C 41 -7.95 4.88 -13.00
CA LEU C 41 -8.92 5.19 -14.06
C LEU C 41 -9.85 4.00 -14.30
N GLU C 42 -11.13 4.27 -14.47
CA GLU C 42 -12.14 3.19 -14.73
C GLU C 42 -11.76 2.26 -15.87
N ALA C 43 -11.48 2.83 -17.05
CA ALA C 43 -11.06 2.05 -18.22
C ALA C 43 -9.92 1.08 -17.94
N VAL C 44 -8.93 1.48 -17.14
CA VAL C 44 -7.78 0.61 -16.81
C VAL C 44 -7.53 0.37 -15.30
N ARG C 45 -8.58 0.23 -14.48
CA ARG C 45 -8.41 0.15 -13.02
C ARG C 45 -7.54 -1.05 -12.63
N GLY C 46 -6.57 -0.83 -11.74
CA GLY C 46 -5.71 -1.90 -11.24
C GLY C 46 -4.51 -2.19 -12.12
N ARG C 47 -4.54 -1.61 -13.32
CA ARG C 47 -3.49 -1.81 -14.30
C ARG C 47 -2.26 -0.93 -13.98
N PRO C 48 -1.07 -1.41 -14.33
CA PRO C 48 0.15 -0.64 -14.16
C PRO C 48 0.13 0.57 -15.10
N PHE C 49 0.53 1.72 -14.59
CA PHE C 49 0.45 2.98 -15.35
C PHE C 49 1.86 3.57 -15.34
N ALA C 50 2.24 4.21 -16.45
CA ALA C 50 3.48 4.96 -16.48
C ALA C 50 3.27 6.46 -16.80
N ASP C 51 4.16 7.29 -16.27
CA ASP C 51 3.98 8.72 -16.40
C ASP C 51 5.34 9.42 -16.26
N VAL C 52 5.44 10.65 -16.71
CA VAL C 52 6.71 11.39 -16.63
C VAL C 52 6.61 12.50 -15.57
N LEU C 53 7.60 12.53 -14.67
CA LEU C 53 7.70 13.52 -13.62
C LEU C 53 9.02 14.26 -13.60
N SER C 54 8.98 15.58 -13.37
CA SER C 54 10.21 16.29 -13.02
C SER C 54 10.66 15.91 -11.60
N LEU C 55 11.97 15.89 -11.41
CA LEU C 55 12.50 15.57 -10.11
C LEU C 55 13.79 16.29 -9.86
N SER C 56 14.16 16.39 -8.58
CA SER C 56 15.51 16.83 -8.19
C SER C 56 15.86 16.29 -6.81
N ASP C 57 17.10 15.87 -6.63
CA ASP C 57 17.60 15.53 -5.31
C ASP C 57 18.55 16.60 -4.71
N GLY C 58 18.60 17.79 -5.32
CA GLY C 58 19.39 18.91 -4.80
C GLY C 58 20.07 19.71 -5.88
N PRO C 59 20.73 20.80 -5.49
CA PRO C 59 21.46 21.64 -6.45
C PRO C 59 22.72 20.95 -6.97
N PRO C 60 23.29 21.45 -8.08
CA PRO C 60 24.50 20.89 -8.72
C PRO C 60 25.54 20.23 -7.84
N GLY C 61 25.96 20.88 -6.75
CA GLY C 61 27.02 20.34 -5.90
C GLY C 61 26.58 19.48 -4.74
N ALA C 62 25.26 19.29 -4.59
CA ALA C 62 24.75 18.67 -3.36
C ALA C 62 23.51 17.79 -3.53
N GLY C 63 23.69 16.68 -4.21
CA GLY C 63 22.65 15.69 -4.37
C GLY C 63 22.49 14.77 -3.19
N SER C 64 21.31 14.77 -2.56
CA SER C 64 21.08 13.94 -1.39
C SER C 64 20.71 12.48 -1.73
N GLY C 65 20.35 12.23 -2.99
CA GLY C 65 19.74 10.96 -3.38
C GLY C 65 18.21 10.95 -3.16
N VAL C 66 17.67 11.92 -2.42
CA VAL C 66 16.20 11.94 -2.18
C VAL C 66 15.47 12.50 -3.43
N PRO C 67 14.66 11.72 -4.16
CA PRO C 67 13.89 12.29 -5.29
C PRO C 67 12.69 13.09 -4.79
N TYR C 68 12.73 14.42 -4.94
CA TYR C 68 11.61 15.31 -4.64
C TYR C 68 10.84 15.58 -5.91
N PHE C 69 9.52 15.76 -5.74
CA PHE C 69 8.60 16.03 -6.85
C PHE C 69 7.77 17.24 -6.47
N TYR C 70 7.23 17.90 -7.49
CA TYR C 70 6.23 18.98 -7.28
C TYR C 70 4.97 18.57 -8.02
N LEU C 71 3.90 18.27 -7.30
CA LEU C 71 2.74 17.58 -7.88
C LEU C 71 1.45 18.34 -7.58
N SER C 72 0.39 18.07 -8.34
CA SER C 72 -0.95 18.69 -8.18
C SER C 72 -1.98 17.55 -7.97
N PRO C 73 -3.00 17.76 -7.16
CA PRO C 73 -4.08 16.75 -7.07
C PRO C 73 -4.80 16.47 -8.38
N LEU C 74 -4.65 17.33 -9.39
CA LEU C 74 -5.23 17.09 -10.73
C LEU C 74 -4.49 16.00 -11.54
N GLN C 75 -3.27 15.69 -11.14
CA GLN C 75 -2.42 14.83 -11.94
C GLN C 75 -2.88 13.39 -11.87
N LEU C 76 -2.99 12.75 -13.03
CA LEU C 76 -3.27 11.28 -13.08
C LEU C 76 -2.41 10.45 -12.11
N SER C 77 -1.10 10.73 -12.04
CA SER C 77 -0.26 9.93 -11.14
C SER C 77 -0.58 10.18 -9.70
N VAL C 78 -0.94 11.42 -9.36
CA VAL C 78 -1.34 11.73 -7.97
C VAL C 78 -2.71 11.10 -7.61
N SER C 79 -3.66 11.09 -8.54
CA SER C 79 -4.92 10.38 -8.24
C SER C 79 -4.61 8.91 -7.91
N ASN C 80 -3.66 8.31 -8.65
CA ASN C 80 -3.22 6.93 -8.38
C ASN C 80 -2.59 6.76 -7.02
N LEU C 81 -1.68 7.70 -6.69
CA LEU C 81 -0.97 7.70 -5.42
C LEU C 81 -1.87 7.89 -4.19
N GLN C 82 -2.92 8.69 -4.34
CA GLN C 82 -3.93 8.87 -3.28
C GLN C 82 -4.63 7.55 -2.93
N GLU C 83 -4.68 6.58 -3.86
CA GLU C 83 -5.30 5.28 -3.58
C GLU C 83 -4.30 4.18 -3.19
N ASN C 84 -3.08 4.30 -3.70
CA ASN C 84 -1.99 3.36 -3.40
C ASN C 84 -0.66 4.06 -3.64
N PRO C 85 0.05 4.39 -2.55
CA PRO C 85 1.25 5.25 -2.63
C PRO C 85 2.52 4.52 -3.11
N TYR C 86 2.40 3.23 -3.36
CA TYR C 86 3.52 2.46 -3.90
C TYR C 86 3.77 2.89 -5.35
N ALA C 87 5.05 3.07 -5.68
CA ALA C 87 5.44 3.52 -6.99
C ALA C 87 6.87 3.04 -7.24
N THR C 88 7.24 2.99 -8.52
CA THR C 88 8.62 2.73 -8.87
C THR C 88 9.10 3.77 -9.88
N LEU C 89 10.30 4.29 -9.63
CA LEU C 89 10.84 5.38 -10.44
C LEU C 89 12.00 4.81 -11.23
N THR C 90 12.00 5.05 -12.51
CA THR C 90 13.15 4.64 -13.30
C THR C 90 13.79 5.80 -14.01
N THR C 92 17.39 6.84 -16.61
CA THR C 92 18.47 6.33 -17.47
C THR C 92 19.44 7.40 -17.87
N LEU C 93 20.70 7.01 -18.00
CA LEU C 93 21.68 7.91 -18.54
C LEU C 93 21.37 8.24 -20.00
N ALA C 94 20.48 7.49 -20.64
CA ALA C 94 20.07 7.87 -22.00
C ALA C 94 19.38 9.24 -22.00
N GLN C 95 18.99 9.73 -20.81
CA GLN C 95 18.47 11.11 -20.69
C GLN C 95 19.58 12.18 -20.84
N THR C 96 20.83 11.75 -20.75
CA THR C 96 21.95 12.67 -21.00
C THR C 96 22.43 12.34 -22.39
N ASN C 97 23.59 12.89 -22.74
CA ASN C 97 24.31 12.46 -23.95
C ASN C 97 25.23 11.26 -23.74
N PHE C 98 25.29 10.73 -22.52
CA PHE C 98 26.28 9.68 -22.18
C PHE C 98 26.18 8.45 -23.09
N CYS C 99 24.97 7.96 -23.32
CA CYS C 99 24.81 6.73 -24.06
C CYS C 99 25.11 6.93 -25.58
N LYS C 100 24.60 8.03 -26.15
CA LYS C 100 24.93 8.43 -27.53
C LYS C 100 26.44 8.53 -27.77
N LYS C 101 27.14 9.22 -26.86
CA LYS C 101 28.56 9.47 -26.94
C LYS C 101 29.37 8.19 -27.08
N HIS C 102 28.99 7.16 -26.32
CA HIS C 102 29.68 5.86 -26.35
C HIS C 102 29.00 4.83 -27.26
N GLY C 103 27.93 5.23 -27.94
CA GLY C 103 27.16 4.31 -28.76
C GLY C 103 26.55 3.13 -28.00
N PHE C 104 26.25 3.32 -26.71
CA PHE C 104 25.56 2.28 -25.92
C PHE C 104 24.06 2.33 -26.25
N ASP C 105 23.48 1.18 -26.58
CA ASP C 105 22.03 1.08 -26.78
C ASP C 105 21.32 1.46 -25.46
N PRO C 106 20.20 2.16 -25.53
CA PRO C 106 19.47 2.50 -24.28
C PRO C 106 19.18 1.29 -23.39
N GLN C 107 19.02 0.09 -23.98
CA GLN C 107 18.65 -1.11 -23.26
C GLN C 107 19.90 -1.91 -22.79
N SER C 108 21.08 -1.49 -23.25
CA SER C 108 22.35 -2.07 -22.81
C SER C 108 22.59 -1.67 -21.35
N PRO C 109 23.02 -2.61 -20.50
CA PRO C 109 23.38 -2.27 -19.11
C PRO C 109 24.58 -1.31 -19.04
N LEU C 110 25.34 -1.16 -20.12
CA LEU C 110 26.37 -0.13 -20.18
C LEU C 110 25.74 1.28 -20.20
N CYS C 111 24.56 1.41 -20.82
CA CYS C 111 23.74 2.62 -20.68
C CYS C 111 23.04 2.53 -19.35
N VAL C 112 23.71 3.03 -18.31
CA VAL C 112 23.19 2.87 -16.94
C VAL C 112 21.73 3.37 -16.71
N HIS C 113 20.91 2.47 -16.17
CA HIS C 113 19.61 2.86 -15.60
C HIS C 113 19.37 2.18 -14.27
N ILE C 114 18.63 2.89 -13.40
CA ILE C 114 18.29 2.37 -12.10
C ILE C 114 16.77 2.38 -11.87
N LEU C 116 13.99 2.79 -8.55
CA LEU C 116 13.85 3.05 -7.12
C LEU C 116 12.40 2.78 -6.78
N SER C 117 12.17 1.78 -5.94
CA SER C 117 10.81 1.51 -5.51
C SER C 117 10.55 1.92 -4.04
N GLY C 118 9.33 2.34 -3.75
CA GLY C 118 8.97 2.74 -2.42
C GLY C 118 7.65 3.45 -2.47
N THR C 119 7.43 4.41 -1.56
CA THR C 119 6.17 5.17 -1.52
C THR C 119 6.40 6.65 -1.79
N VAL C 120 5.37 7.29 -2.37
CA VAL C 120 5.47 8.72 -2.59
C VAL C 120 4.55 9.40 -1.60
N THR C 121 5.15 10.26 -0.78
CA THR C 121 4.42 10.95 0.26
C THR C 121 4.61 12.43 0.21
N LYS C 122 3.66 13.17 0.80
CA LYS C 122 3.83 14.62 0.88
C LYS C 122 4.93 14.94 1.86
N VAL C 123 5.82 15.84 1.45
CA VAL C 123 6.90 16.37 2.29
C VAL C 123 6.28 17.25 3.42
N ASN C 124 6.75 17.12 4.66
CA ASN C 124 6.14 17.96 5.71
C ASN C 124 6.78 19.33 5.92
N GLU C 125 6.20 20.18 6.79
CA GLU C 125 6.68 21.56 6.90
C GLU C 125 8.18 21.68 7.24
N THR C 126 8.73 20.70 7.96
CA THR C 126 10.17 20.71 8.32
C THR C 126 11.12 20.41 7.18
N GLU C 127 10.59 19.90 6.07
CA GLU C 127 11.43 19.49 4.96
C GLU C 127 11.04 20.30 3.68
N ASP C 129 11.32 23.33 2.73
CA ASP C 129 12.25 24.29 2.18
C ASP C 129 13.40 23.64 1.44
N ILE C 130 13.85 22.50 1.91
CA ILE C 130 14.84 21.74 1.14
C ILE C 130 14.25 21.20 -0.18
N ALA C 131 13.01 20.67 -0.14
CA ALA C 131 12.42 20.16 -1.37
C ALA C 131 12.26 21.31 -2.36
N LYS C 132 11.79 22.46 -1.86
CA LYS C 132 11.54 23.58 -2.74
C LYS C 132 12.85 24.08 -3.36
N HIS C 133 13.91 24.12 -2.56
CA HIS C 133 15.13 24.71 -3.08
C HIS C 133 15.76 23.76 -4.09
N SER C 134 15.80 22.47 -3.76
CA SER C 134 16.30 21.43 -4.68
C SER C 134 15.52 21.47 -6.00
N LEU C 135 14.19 21.61 -5.93
CA LEU C 135 13.38 21.54 -7.16
C LEU C 135 13.46 22.83 -7.93
N PHE C 136 13.21 23.94 -7.25
CA PHE C 136 13.01 25.20 -8.02
C PHE C 136 14.31 25.66 -8.68
N ILE C 137 15.47 25.40 -8.05
CA ILE C 137 16.75 25.73 -8.70
C ILE C 137 17.00 24.90 -9.99
N ARG C 138 16.52 23.66 -10.02
CA ARG C 138 16.77 22.75 -11.13
C ARG C 138 15.68 22.94 -12.16
N HIS C 139 14.52 23.42 -11.70
CA HIS C 139 13.32 23.57 -12.50
C HIS C 139 12.66 24.95 -12.32
N PRO C 140 13.26 26.02 -12.85
CA PRO C 140 12.74 27.38 -12.65
C PRO C 140 11.30 27.61 -13.11
N GLU C 141 10.80 26.84 -14.07
CA GLU C 141 9.44 27.06 -14.55
C GLU C 141 8.42 26.87 -13.46
N LYS C 143 8.21 27.92 -10.36
CA LYS C 143 7.81 29.17 -9.73
C LYS C 143 6.61 29.78 -10.47
N THR C 144 6.54 29.60 -11.79
CA THR C 144 5.43 30.15 -12.60
C THR C 144 4.18 29.27 -12.77
N TRP C 145 4.22 28.01 -12.25
CA TRP C 145 3.06 27.11 -12.38
C TRP C 145 1.85 27.73 -11.64
N PRO C 146 0.62 27.54 -12.14
CA PRO C 146 -0.59 28.18 -11.56
C PRO C 146 -0.94 27.74 -10.12
N SER C 147 -0.96 28.70 -9.18
CA SER C 147 -1.26 28.40 -7.77
C SER C 147 -2.62 27.76 -7.56
N SER C 148 -3.54 28.01 -8.47
CA SER C 148 -4.86 27.39 -8.37
C SER C 148 -4.85 25.87 -8.51
N HIS C 149 -3.77 25.29 -9.04
CA HIS C 149 -3.68 23.83 -9.14
C HIS C 149 -3.23 23.15 -7.83
N ASN C 150 -2.97 23.94 -6.80
CA ASN C 150 -2.68 23.43 -5.46
C ASN C 150 -1.49 22.48 -5.38
N TRP C 151 -0.38 22.94 -5.92
CA TRP C 151 0.86 22.18 -5.93
C TRP C 151 1.36 21.82 -4.55
N PHE C 152 2.00 20.65 -4.41
CA PHE C 152 2.62 20.28 -3.15
C PHE C 152 3.94 19.61 -3.39
N PHE C 153 4.82 19.66 -2.39
CA PHE C 153 6.09 18.94 -2.46
C PHE C 153 5.94 17.51 -1.96
N ALA C 154 6.52 16.59 -2.72
CA ALA C 154 6.40 15.20 -2.36
C ALA C 154 7.79 14.60 -2.48
N LYS C 155 7.97 13.37 -1.98
CA LYS C 155 9.29 12.72 -2.17
C LYS C 155 9.07 11.23 -2.36
N LEU C 156 10.04 10.55 -2.97
CA LEU C 156 10.01 9.09 -2.95
C LEU C 156 10.80 8.56 -1.73
N ASN C 157 10.10 7.77 -0.91
CA ASN C 157 10.69 7.05 0.22
C ASN C 157 11.08 5.71 -0.34
N ILE C 158 12.37 5.50 -0.46
CA ILE C 158 12.88 4.35 -1.18
C ILE C 158 12.96 3.12 -0.27
N THR C 159 12.48 1.96 -0.75
CA THR C 159 12.63 0.72 0.01
C THR C 159 13.51 -0.29 -0.74
N ASN C 160 13.50 -0.25 -2.07
CA ASN C 160 14.24 -1.18 -2.90
C ASN C 160 14.88 -0.44 -4.08
N ILE C 161 16.11 -0.79 -4.36
CA ILE C 161 16.86 -0.21 -5.47
C ILE C 161 17.44 -1.33 -6.34
N TRP C 162 17.36 -1.18 -7.66
CA TRP C 162 18.03 -2.09 -8.61
C TRP C 162 18.87 -1.23 -9.52
N VAL C 163 20.14 -1.60 -9.65
CA VAL C 163 21.04 -0.95 -10.62
C VAL C 163 21.42 -1.87 -11.77
N LEU C 164 21.19 -1.41 -12.99
CA LEU C 164 21.72 -2.09 -14.16
C LEU C 164 22.87 -1.30 -14.76
N ASP C 165 24.10 -1.64 -14.38
CA ASP C 165 25.25 -0.94 -14.91
C ASP C 165 26.33 -1.85 -15.50
N TYR C 166 26.06 -3.15 -15.58
CA TYR C 166 26.98 -4.12 -16.19
C TYR C 166 26.22 -5.42 -16.51
N PHE C 167 26.80 -6.31 -17.31
CA PHE C 167 26.20 -7.64 -17.57
C PHE C 167 26.02 -8.45 -16.29
N GLY C 168 25.11 -9.42 -16.34
N GLY C 168 25.08 -9.40 -16.29
CA GLY C 168 24.64 -10.13 -15.16
CA GLY C 168 24.86 -10.27 -15.13
C GLY C 168 23.27 -9.61 -14.77
C GLY C 168 23.64 -9.98 -14.27
N GLY C 169 22.80 -10.00 -13.60
N GLY C 169 22.71 -9.17 -14.78
CA GLY C 169 21.52 -9.46 -13.16
CA GLY C 169 21.48 -8.91 -14.07
C GLY C 169 21.58 -7.97 -12.85
C GLY C 169 21.58 -7.97 -12.88
N PRO C 170 20.43 -7.43 -12.47
CA PRO C 170 20.37 -6.25 -11.58
C PRO C 170 21.25 -6.39 -10.33
N LYS C 171 21.93 -5.31 -9.97
CA LYS C 171 22.64 -5.23 -8.69
C LYS C 171 21.69 -4.61 -7.67
N ILE C 172 21.49 -5.27 -6.53
CA ILE C 172 20.59 -4.79 -5.50
C ILE C 172 21.37 -3.95 -4.51
N VAL C 173 20.88 -2.73 -4.24
CA VAL C 173 21.47 -1.80 -3.29
C VAL C 173 20.44 -1.56 -2.18
N THR C 174 20.85 -1.58 -0.91
CA THR C 174 19.92 -1.24 0.16
C THR C 174 19.85 0.29 0.29
N PRO C 175 18.71 0.78 0.72
CA PRO C 175 18.52 2.20 1.00
C PRO C 175 19.65 2.74 1.87
N GLU C 176 20.04 1.99 2.90
CA GLU C 176 21.13 2.42 3.78
C GLU C 176 22.47 2.56 3.02
N GLU C 177 22.79 1.61 2.15
CA GLU C 177 23.99 1.78 1.30
C GLU C 177 23.87 3.03 0.43
N TYR C 178 22.71 3.23 -0.21
CA TYR C 178 22.49 4.30 -1.19
C TYR C 178 22.65 5.65 -0.46
N TYR C 179 22.04 5.77 0.71
CA TYR C 179 22.17 7.00 1.52
C TYR C 179 23.49 7.14 2.32
N ASN C 180 24.29 6.07 2.38
CA ASN C 180 25.59 6.16 3.09
C ASN C 180 26.76 6.51 2.17
N VAL C 181 26.49 6.63 0.87
CA VAL C 181 27.41 7.29 -0.04
C VAL C 181 27.60 8.79 0.36
N THR C 182 28.85 9.18 0.55
CA THR C 182 29.29 10.57 0.77
C THR C 182 30.55 10.82 -0.06
N GLY D 11 9.60 17.30 -40.26
CA GLY D 11 9.90 16.55 -38.97
C GLY D 11 9.72 17.42 -37.73
N SER D 12 8.69 18.27 -37.75
CA SER D 12 8.38 19.11 -36.59
C SER D 12 7.06 18.71 -35.95
N LEU D 13 6.77 19.26 -34.77
CA LEU D 13 5.62 18.83 -34.00
C LEU D 13 4.32 19.22 -34.70
N PRO D 14 3.40 18.27 -34.83
CA PRO D 14 2.09 18.58 -35.38
C PRO D 14 1.32 19.57 -34.50
N PRO D 15 0.30 20.17 -35.06
CA PRO D 15 -0.62 21.00 -34.27
C PRO D 15 -1.09 20.27 -33.04
N ARG D 16 -1.03 20.94 -31.89
CA ARG D 16 -1.28 20.27 -30.62
C ARG D 16 -2.71 19.82 -30.47
N GLU D 17 -3.62 20.46 -31.20
CA GLU D 17 -5.01 20.02 -31.13
C GLU D 17 -5.24 18.68 -31.84
N ASP D 18 -4.30 18.26 -32.67
CA ASP D 18 -4.42 16.97 -33.38
C ASP D 18 -3.73 15.86 -32.55
N ALA D 19 -4.41 15.40 -31.49
CA ALA D 19 -3.77 14.57 -30.45
C ALA D 19 -3.29 13.27 -31.09
N ALA D 20 -4.10 12.76 -32.02
CA ALA D 20 -3.73 11.54 -32.72
C ALA D 20 -2.42 11.69 -33.46
N ARG D 21 -2.24 12.78 -34.20
CA ARG D 21 -1.01 12.98 -34.99
C ARG D 21 0.21 13.25 -34.07
N VAL D 22 -0.03 14.02 -33.01
CA VAL D 22 0.98 14.27 -31.97
C VAL D 22 1.41 12.90 -31.37
N ALA D 23 0.45 12.03 -31.06
CA ALA D 23 0.83 10.73 -30.47
C ALA D 23 1.75 9.91 -31.40
N ARG D 24 1.39 9.80 -32.69
CA ARG D 24 2.20 9.05 -33.67
C ARG D 24 3.57 9.65 -33.80
N PHE D 25 3.63 10.98 -33.77
CA PHE D 25 4.90 11.68 -33.83
C PHE D 25 5.81 11.35 -32.67
N VAL D 26 5.27 11.36 -31.45
CA VAL D 26 6.08 10.99 -30.28
C VAL D 26 6.60 9.53 -30.37
N THR D 27 5.68 8.63 -30.68
CA THR D 27 6.04 7.22 -30.77
C THR D 27 7.19 7.12 -31.80
N HIS D 28 6.98 7.70 -32.99
CA HIS D 28 7.97 7.58 -34.05
C HIS D 28 9.36 8.18 -33.72
N VAL D 29 9.40 9.32 -33.02
CA VAL D 29 10.72 9.96 -32.71
C VAL D 29 11.45 9.33 -31.53
N SER D 30 10.72 8.56 -30.73
CA SER D 30 11.38 7.93 -29.56
C SER D 30 12.19 6.67 -29.93
N ASP D 31 13.37 6.51 -29.34
CA ASP D 31 14.16 5.31 -29.51
C ASP D 31 14.05 4.35 -28.31
N TRP D 32 13.44 4.82 -27.27
CA TRP D 32 13.33 4.03 -26.04
C TRP D 32 12.09 4.60 -25.33
N GLY D 33 11.66 3.96 -24.24
CA GLY D 33 10.56 4.44 -23.45
C GLY D 33 10.61 3.71 -22.11
N ALA D 34 9.72 4.12 -21.19
CA ALA D 34 9.58 3.41 -19.91
C ALA D 34 8.28 2.59 -19.88
N LEU D 35 8.38 1.33 -19.48
CA LEU D 35 7.24 0.44 -19.45
C LEU D 35 6.90 0.14 -18.03
N ALA D 36 5.61 0.29 -17.69
CA ALA D 36 5.18 -0.06 -16.35
C ALA D 36 4.52 -1.43 -16.43
N THR D 37 4.88 -2.32 -15.48
CA THR D 37 4.27 -3.66 -15.35
C THR D 37 4.01 -3.93 -13.88
N ILE D 38 3.43 -5.12 -13.58
CA ILE D 38 3.18 -5.50 -12.18
C ILE D 38 4.31 -6.42 -11.77
N SER D 39 5.01 -6.06 -10.69
CA SER D 39 6.16 -6.90 -10.27
C SER D 39 5.75 -8.29 -9.78
N THR D 40 6.53 -9.29 -10.18
CA THR D 40 6.47 -10.65 -9.67
C THR D 40 7.70 -10.97 -8.81
N LEU D 41 8.49 -9.97 -8.44
CA LEU D 41 9.57 -10.22 -7.48
C LEU D 41 8.98 -10.34 -6.09
N GLU D 42 9.41 -11.38 -5.39
CA GLU D 42 8.94 -11.67 -4.03
C GLU D 42 8.97 -10.43 -3.10
N ALA D 43 10.09 -9.71 -3.06
CA ALA D 43 10.25 -8.52 -2.19
C ALA D 43 9.18 -7.45 -2.42
N VAL D 44 8.71 -7.31 -3.67
CA VAL D 44 7.80 -6.21 -3.98
C VAL D 44 6.64 -6.74 -4.79
N ARG D 45 6.20 -7.94 -4.47
CA ARG D 45 5.23 -8.58 -5.32
C ARG D 45 3.90 -7.83 -5.41
N GLY D 46 3.38 -7.64 -6.63
CA GLY D 46 2.18 -6.84 -6.83
C GLY D 46 2.40 -5.32 -6.99
N ARG D 47 3.60 -4.84 -6.70
CA ARG D 47 3.88 -3.40 -6.84
C ARG D 47 3.99 -2.95 -8.30
N PRO D 48 3.62 -1.71 -8.63
CA PRO D 48 3.86 -1.23 -10.00
C PRO D 48 5.39 -1.11 -10.16
N PHE D 49 5.91 -1.54 -11.32
CA PHE D 49 7.31 -1.56 -11.57
C PHE D 49 7.55 -0.78 -12.88
N ALA D 50 8.72 -0.13 -13.01
CA ALA D 50 9.07 0.69 -14.17
C ALA D 50 10.46 0.30 -14.65
N ASP D 51 10.68 0.38 -15.96
CA ASP D 51 11.90 -0.15 -16.55
C ASP D 51 12.11 0.49 -17.91
N VAL D 52 13.36 0.52 -18.36
CA VAL D 52 13.71 1.18 -19.62
C VAL D 52 13.81 0.12 -20.72
N LEU D 53 13.09 0.31 -21.81
CA LEU D 53 13.19 -0.51 -22.99
C LEU D 53 13.44 0.34 -24.23
N SER D 54 14.28 -0.18 -25.12
CA SER D 54 14.34 0.32 -26.48
C SER D 54 13.11 -0.06 -27.24
N LEU D 55 12.79 0.74 -28.24
CA LEU D 55 11.63 0.48 -29.04
C LEU D 55 11.77 1.11 -30.43
N SER D 56 10.93 0.67 -31.37
CA SER D 56 10.82 1.30 -32.69
C SER D 56 9.46 1.00 -33.27
N ASP D 57 8.87 1.97 -33.99
CA ASP D 57 7.66 1.69 -34.74
C ASP D 57 7.89 1.70 -36.25
N GLY D 58 9.17 1.74 -36.60
CA GLY D 58 9.56 1.60 -37.99
C GLY D 58 10.90 2.28 -38.26
N PRO D 59 11.34 2.26 -39.51
CA PRO D 59 12.60 2.96 -39.84
C PRO D 59 12.34 4.50 -39.79
N PRO D 60 13.38 5.32 -39.63
CA PRO D 60 13.24 6.78 -39.49
C PRO D 60 12.29 7.37 -40.51
N GLY D 61 12.37 6.94 -41.77
CA GLY D 61 11.48 7.46 -42.78
C GLY D 61 9.97 7.26 -42.65
N ALA D 62 9.53 6.27 -41.85
CA ALA D 62 8.10 5.89 -41.77
C ALA D 62 7.79 4.99 -40.54
N GLY D 63 6.96 5.48 -39.63
CA GLY D 63 6.55 4.65 -38.51
C GLY D 63 5.12 4.26 -38.69
N SER D 64 4.74 3.13 -38.14
CA SER D 64 3.38 2.63 -38.24
C SER D 64 2.63 2.95 -36.94
N GLY D 65 3.34 3.47 -35.96
CA GLY D 65 2.81 3.63 -34.62
C GLY D 65 2.85 2.42 -33.67
N VAL D 66 3.09 1.21 -34.20
CA VAL D 66 3.19 0.01 -33.35
C VAL D 66 4.57 -0.03 -32.69
N PRO D 67 4.59 0.02 -31.33
CA PRO D 67 5.86 -0.10 -30.63
C PRO D 67 6.33 -1.54 -30.62
N TYR D 68 7.48 -1.75 -31.21
CA TYR D 68 8.13 -3.03 -31.15
C TYR D 68 9.27 -3.00 -30.19
N PHE D 69 9.50 -4.16 -29.57
CA PHE D 69 10.53 -4.34 -28.58
C PHE D 69 11.33 -5.59 -28.93
N TYR D 70 12.61 -5.61 -28.54
CA TYR D 70 13.41 -6.80 -28.53
C TYR D 70 13.73 -7.19 -27.07
N LEU D 71 13.18 -8.30 -26.61
CA LEU D 71 13.18 -8.68 -25.18
C LEU D 71 13.77 -10.06 -24.90
N SER D 72 14.28 -10.22 -23.69
CA SER D 72 14.81 -11.49 -23.20
C SER D 72 14.03 -11.97 -21.99
N PRO D 73 13.75 -13.27 -21.85
CA PRO D 73 13.12 -13.74 -20.59
C PRO D 73 13.94 -13.42 -19.35
N LEU D 74 15.24 -13.09 -19.49
CA LEU D 74 16.06 -12.72 -18.36
C LEU D 74 15.68 -11.34 -17.80
N GLN D 75 14.95 -10.53 -18.58
CA GLN D 75 14.53 -9.20 -18.10
C GLN D 75 13.47 -9.22 -17.05
N LEU D 76 13.61 -8.29 -16.11
CA LEU D 76 12.67 -8.11 -15.02
C LEU D 76 11.25 -7.85 -15.53
N SER D 77 11.12 -6.96 -16.51
CA SER D 77 9.84 -6.71 -17.20
C SER D 77 9.15 -7.92 -17.82
N VAL D 78 9.93 -8.78 -18.44
CA VAL D 78 9.40 -9.96 -19.11
C VAL D 78 8.88 -10.98 -18.12
N SER D 79 9.63 -11.22 -17.05
CA SER D 79 9.10 -12.07 -15.99
C SER D 79 7.74 -11.55 -15.53
N ASN D 80 7.61 -10.21 -15.41
CA ASN D 80 6.34 -9.64 -14.96
C ASN D 80 5.24 -9.87 -15.99
N LEU D 81 5.58 -9.66 -17.25
CA LEU D 81 4.61 -9.78 -18.35
C LEU D 81 4.13 -11.23 -18.55
N GLN D 82 4.93 -12.20 -18.17
CA GLN D 82 4.52 -13.60 -18.25
C GLN D 82 3.45 -13.99 -17.22
N GLU D 83 3.40 -13.26 -16.10
CA GLU D 83 2.31 -13.43 -15.16
C GLU D 83 1.10 -12.55 -15.45
N ASN D 84 1.30 -11.44 -16.16
CA ASN D 84 0.23 -10.46 -16.42
C ASN D 84 0.75 -9.58 -17.55
N PRO D 85 0.21 -9.77 -18.73
CA PRO D 85 0.75 -9.15 -19.94
C PRO D 85 0.33 -7.65 -20.12
N TYR D 86 -0.43 -7.14 -19.18
CA TYR D 86 -0.79 -5.70 -19.24
C TYR D 86 0.39 -4.82 -18.94
N ALA D 87 0.53 -3.78 -19.75
CA ALA D 87 1.56 -2.82 -19.48
C ALA D 87 1.18 -1.42 -19.99
N THR D 88 1.92 -0.41 -19.53
CA THR D 88 1.77 0.95 -20.03
C THR D 88 3.13 1.49 -20.37
N LEU D 89 3.23 2.10 -21.56
CA LEU D 89 4.47 2.64 -22.08
C LEU D 89 4.33 4.15 -22.06
N THR D 90 5.34 4.84 -21.53
CA THR D 90 5.37 6.31 -21.62
C THR D 90 6.62 6.82 -22.34
N THR D 92 8.46 10.75 -23.69
CA THR D 92 8.39 12.22 -23.64
C THR D 92 9.35 12.82 -24.64
N LEU D 93 8.97 13.98 -25.17
CA LEU D 93 9.88 14.75 -25.98
C LEU D 93 11.13 15.23 -25.25
N ALA D 94 11.18 15.08 -23.93
CA ALA D 94 12.42 15.39 -23.18
C ALA D 94 13.58 14.44 -23.50
N GLN D 95 13.26 13.32 -24.14
CA GLN D 95 14.28 12.41 -24.67
C GLN D 95 14.91 13.01 -25.94
N THR D 96 14.34 14.08 -26.48
CA THR D 96 15.01 14.78 -27.58
C THR D 96 15.55 16.08 -27.04
N ASN D 97 15.97 16.96 -27.93
CA ASN D 97 16.43 18.30 -27.50
C ASN D 97 15.29 19.35 -27.47
N PHE D 98 14.05 18.90 -27.80
CA PHE D 98 12.88 19.76 -28.01
C PHE D 98 12.48 20.56 -26.77
N CYS D 99 12.45 19.91 -25.62
CA CYS D 99 12.04 20.64 -24.41
C CYS D 99 13.17 21.56 -23.95
N LYS D 100 14.41 21.08 -24.01
CA LYS D 100 15.54 21.94 -23.64
C LYS D 100 15.61 23.19 -24.53
N LYS D 101 15.37 23.02 -25.82
CA LYS D 101 15.46 24.14 -26.77
C LYS D 101 14.39 25.21 -26.50
N HIS D 102 13.19 24.79 -26.12
CA HIS D 102 12.13 25.77 -25.92
C HIS D 102 12.01 26.21 -24.47
N GLY D 103 12.80 25.61 -23.59
CA GLY D 103 12.76 25.90 -22.15
C GLY D 103 11.51 25.37 -21.46
N PHE D 104 10.90 24.34 -22.05
CA PHE D 104 9.72 23.66 -21.51
C PHE D 104 10.20 22.65 -20.47
N ASP D 105 9.67 22.79 -19.26
CA ASP D 105 9.99 21.84 -18.18
C ASP D 105 9.51 20.44 -18.58
N PRO D 106 10.26 19.39 -18.24
CA PRO D 106 9.85 18.00 -18.57
C PRO D 106 8.41 17.66 -18.17
N GLN D 107 7.89 18.26 -17.07
CA GLN D 107 6.52 17.94 -16.61
C GLN D 107 5.44 18.88 -17.19
N SER D 108 5.87 19.87 -17.93
CA SER D 108 4.92 20.77 -18.56
C SER D 108 4.29 20.00 -19.73
N PRO D 109 2.98 20.10 -19.95
CA PRO D 109 2.40 19.44 -21.14
C PRO D 109 2.95 19.98 -22.47
N LEU D 110 3.64 21.14 -22.46
CA LEU D 110 4.31 21.61 -23.67
C LEU D 110 5.48 20.71 -24.04
N CYS D 111 6.10 20.08 -23.03
CA CYS D 111 7.09 19.05 -23.28
C CYS D 111 6.28 17.77 -23.42
N VAL D 112 5.86 17.51 -24.65
CA VAL D 112 4.77 16.56 -24.89
C VAL D 112 5.17 15.21 -24.33
N HIS D 113 4.29 14.58 -23.55
CA HIS D 113 4.50 13.12 -23.29
C HIS D 113 3.20 12.38 -23.51
N ILE D 114 3.32 11.11 -23.85
CA ILE D 114 2.13 10.31 -24.08
C ILE D 114 2.26 8.98 -23.30
N LEU D 116 0.78 4.94 -23.77
CA LEU D 116 0.07 3.92 -24.51
C LEU D 116 -0.06 2.67 -23.61
N SER D 117 -1.28 2.19 -23.45
CA SER D 117 -1.51 1.07 -22.59
C SER D 117 -2.14 -0.07 -23.39
N GLY D 118 -1.88 -1.30 -22.97
CA GLY D 118 -2.44 -2.48 -23.66
C GLY D 118 -1.78 -3.72 -23.13
N THR D 119 -1.49 -4.67 -24.01
CA THR D 119 -0.77 -5.86 -23.61
C THR D 119 0.47 -5.98 -24.45
N VAL D 120 1.49 -6.57 -23.86
CA VAL D 120 2.69 -6.89 -24.59
C VAL D 120 2.70 -8.41 -24.88
N THR D 121 2.87 -8.76 -26.16
CA THR D 121 2.89 -10.14 -26.63
C THR D 121 4.07 -10.36 -27.62
N LYS D 122 4.62 -11.57 -27.66
CA LYS D 122 5.60 -11.93 -28.69
C LYS D 122 4.91 -11.80 -30.07
N VAL D 123 5.64 -11.27 -31.06
CA VAL D 123 5.07 -11.07 -32.38
C VAL D 123 5.09 -12.36 -33.18
N ASN D 124 4.02 -12.53 -33.94
CA ASN D 124 3.86 -13.64 -34.85
C ASN D 124 4.76 -13.52 -36.04
N GLU D 125 5.33 -14.66 -36.43
CA GLU D 125 5.66 -14.97 -37.82
C GLU D 125 5.82 -13.79 -38.76
N THR D 126 4.67 -13.37 -39.30
CA THR D 126 4.58 -12.45 -40.42
C THR D 126 5.20 -11.10 -40.07
N GLU D 127 4.95 -10.65 -38.84
CA GLU D 127 5.41 -9.35 -38.36
C GLU D 127 6.89 -9.34 -37.88
N ASP D 129 9.87 -10.07 -39.09
CA ASP D 129 10.89 -9.43 -39.93
C ASP D 129 10.66 -7.91 -40.01
N ILE D 130 9.41 -7.48 -39.98
CA ILE D 130 9.09 -6.03 -39.93
C ILE D 130 9.65 -5.44 -38.63
N ALA D 131 9.26 -6.01 -37.48
CA ALA D 131 9.77 -5.62 -36.16
C ALA D 131 11.28 -5.62 -36.17
N LYS D 132 11.87 -6.70 -36.66
CA LYS D 132 13.30 -6.78 -36.67
C LYS D 132 13.94 -5.67 -37.51
N HIS D 133 13.38 -5.34 -38.68
CA HIS D 133 14.03 -4.29 -39.47
C HIS D 133 13.80 -2.97 -38.79
N SER D 134 12.55 -2.71 -38.37
CA SER D 134 12.24 -1.50 -37.57
C SER D 134 13.22 -1.26 -36.42
N LEU D 135 13.47 -2.31 -35.62
CA LEU D 135 14.35 -2.19 -34.46
C LEU D 135 15.83 -2.13 -34.81
N PHE D 136 16.31 -3.13 -35.55
CA PHE D 136 17.73 -3.23 -35.82
C PHE D 136 18.33 -2.06 -36.59
N ILE D 137 17.54 -1.48 -37.50
CA ILE D 137 17.99 -0.32 -38.28
C ILE D 137 18.18 0.93 -37.40
N ARG D 138 17.47 1.01 -36.27
CA ARG D 138 17.66 2.17 -35.39
C ARG D 138 18.44 1.80 -34.14
N HIS D 139 18.56 0.50 -33.91
CA HIS D 139 19.36 -0.01 -32.81
C HIS D 139 20.39 -1.06 -33.31
N PRO D 140 21.42 -0.64 -34.05
CA PRO D 140 22.45 -1.55 -34.60
C PRO D 140 23.15 -2.50 -33.61
N GLU D 141 23.10 -2.17 -32.32
CA GLU D 141 23.83 -2.94 -31.31
C GLU D 141 23.12 -4.27 -31.09
N LYS D 143 22.03 -6.48 -33.04
CA LYS D 143 22.67 -7.55 -33.83
C LYS D 143 23.78 -8.30 -33.09
N THR D 144 24.40 -7.66 -32.10
CA THR D 144 25.51 -8.30 -31.36
C THR D 144 25.09 -8.90 -29.99
N TRP D 145 23.83 -8.69 -29.61
CA TRP D 145 23.35 -9.13 -28.31
C TRP D 145 23.45 -10.66 -28.19
N PRO D 146 23.90 -11.17 -27.03
CA PRO D 146 24.15 -12.61 -26.86
C PRO D 146 22.94 -13.52 -27.10
N SER D 147 23.14 -14.48 -27.99
CA SER D 147 22.14 -15.48 -28.37
C SER D 147 21.61 -16.28 -27.17
N SER D 148 22.43 -16.42 -26.15
CA SER D 148 22.08 -17.18 -24.94
C SER D 148 20.82 -16.64 -24.24
N HIS D 149 20.55 -15.35 -24.43
CA HIS D 149 19.46 -14.69 -23.74
C HIS D 149 18.10 -14.94 -24.40
N ASN D 150 18.08 -15.74 -25.47
CA ASN D 150 16.81 -16.13 -26.06
C ASN D 150 15.90 -14.93 -26.41
N TRP D 151 16.46 -13.98 -27.15
CA TRP D 151 15.75 -12.78 -27.60
C TRP D 151 14.56 -13.13 -28.46
N PHE D 152 13.45 -12.40 -28.27
CA PHE D 152 12.31 -12.51 -29.15
C PHE D 152 11.76 -11.12 -29.44
N PHE D 153 11.00 -11.00 -30.53
CA PHE D 153 10.39 -9.73 -30.82
C PHE D 153 9.01 -9.65 -30.22
N ALA D 154 8.68 -8.48 -29.67
CA ALA D 154 7.41 -8.26 -29.04
C ALA D 154 6.79 -6.94 -29.49
N LYS D 155 5.49 -6.79 -29.29
CA LYS D 155 4.82 -5.53 -29.55
C LYS D 155 3.83 -5.17 -28.43
N LEU D 156 3.50 -3.87 -28.34
CA LEU D 156 2.43 -3.40 -27.50
C LEU D 156 1.17 -3.35 -28.37
N ASN D 157 0.16 -4.15 -27.99
CA ASN D 157 -1.17 -4.08 -28.58
C ASN D 157 -1.95 -2.98 -27.86
N ILE D 158 -2.15 -1.82 -28.48
CA ILE D 158 -2.66 -0.67 -27.74
C ILE D 158 -4.22 -0.66 -27.62
N THR D 159 -4.72 -0.56 -26.40
CA THR D 159 -6.15 -0.34 -26.21
C THR D 159 -6.49 1.05 -25.68
N ASN D 160 -5.51 1.78 -25.14
CA ASN D 160 -5.81 3.07 -24.48
C ASN D 160 -4.66 4.04 -24.71
N ILE D 161 -4.98 5.31 -24.95
CA ILE D 161 -3.99 6.37 -25.27
C ILE D 161 -4.35 7.69 -24.58
N TRP D 162 -3.34 8.27 -23.92
CA TRP D 162 -3.44 9.60 -23.35
C TRP D 162 -2.33 10.42 -23.95
N VAL D 163 -2.66 11.67 -24.32
CA VAL D 163 -1.68 12.62 -24.82
C VAL D 163 -1.70 13.84 -23.91
N LEU D 164 -0.55 14.22 -23.40
CA LEU D 164 -0.41 15.46 -22.67
C LEU D 164 0.36 16.38 -23.58
N ASP D 165 -0.35 17.33 -24.18
CA ASP D 165 0.31 18.27 -25.09
C ASP D 165 -0.13 19.76 -25.01
N TYR D 166 -1.00 20.07 -24.07
CA TYR D 166 -1.47 21.46 -23.89
C TYR D 166 -2.10 21.56 -22.52
N PHE D 167 -2.44 22.77 -22.08
CA PHE D 167 -3.20 22.81 -20.84
C PHE D 167 -4.63 22.24 -21.03
N GLY D 168 -5.32 21.99 -19.94
CA GLY D 168 -6.68 21.49 -20.03
C GLY D 168 -6.77 20.02 -19.69
N GLY D 169 -5.63 19.35 -19.45
CA GLY D 169 -5.66 17.94 -19.09
C GLY D 169 -5.33 16.96 -20.20
N PRO D 170 -5.33 15.67 -19.87
CA PRO D 170 -4.97 14.64 -20.85
C PRO D 170 -5.98 14.58 -21.96
N LYS D 171 -5.50 14.36 -23.16
CA LYS D 171 -6.37 14.16 -24.28
C LYS D 171 -6.45 12.64 -24.58
N ILE D 172 -7.66 12.11 -24.63
CA ILE D 172 -7.85 10.69 -24.94
C ILE D 172 -7.96 10.47 -26.44
N VAL D 173 -7.18 9.52 -26.94
CA VAL D 173 -7.17 9.15 -28.34
C VAL D 173 -7.60 7.67 -28.44
N THR D 174 -8.45 7.32 -29.39
CA THR D 174 -8.75 5.88 -29.56
C THR D 174 -7.69 5.21 -30.42
N PRO D 175 -7.49 3.90 -30.24
CA PRO D 175 -6.59 3.12 -31.10
C PRO D 175 -6.89 3.34 -32.59
N GLU D 176 -8.15 3.38 -32.98
CA GLU D 176 -8.47 3.54 -34.40
C GLU D 176 -7.95 4.88 -34.94
N GLU D 177 -8.20 5.95 -34.17
CA GLU D 177 -7.79 7.32 -34.49
C GLU D 177 -6.29 7.34 -34.67
N TYR D 178 -5.60 6.87 -33.64
CA TYR D 178 -4.13 6.70 -33.64
C TYR D 178 -3.57 5.98 -34.87
N TYR D 179 -4.21 4.89 -35.27
CA TYR D 179 -3.73 4.10 -36.41
C TYR D 179 -4.13 4.63 -37.79
N ASN D 180 -5.23 5.36 -37.85
CA ASN D 180 -5.75 5.83 -39.12
C ASN D 180 -5.16 7.18 -39.55
N VAL D 181 -4.22 7.71 -38.77
CA VAL D 181 -3.59 9.01 -39.02
C VAL D 181 -2.98 9.14 -40.43
N THR D 182 -3.45 10.15 -41.17
CA THR D 182 -2.86 10.54 -42.45
C THR D 182 -1.42 11.04 -42.27
#